data_5IXE
#
_entry.id   5IXE
#
_cell.length_a   167.706
_cell.length_b   167.706
_cell.length_c   95.871
_cell.angle_alpha   90.000
_cell.angle_beta   90.000
_cell.angle_gamma   120.000
#
_symmetry.space_group_name_H-M   'P 31 2 1'
#
loop_
_entity.id
_entity.type
_entity.pdbx_description
1 polymer Beta-galactosidase
2 non-polymer 5-fluoro-1H-indole
3 non-polymer (4S)-2-METHYL-2,4-PENTANEDIOL
4 non-polymer 'CHLORIDE ION'
5 water water
#
_entity_poly.entity_id   1
_entity_poly.type   'polypeptide(L)'
_entity_poly.pdbx_seq_one_letter_code
;MYSFPNSFRFGWSQAGFQSEMGTPGSEDPNTDGYKWVHDPENMAAGLVSGDLPENGPGYWGNYKTFHDNAQKMGLKIARL
NVEWSRIFPNPLPRPQNFDESKQDVTEVEINENELKRLDEYANKDALNHYREIFKDLKSRGLYFILNMYHWPLPLWLHDP
IRVRRGDFTGPSGWLSTRTVYEFARFSAYIAWKFDDLVDEYSTMNEPNVVGGLGYVGVKSGFPPGYLSFELSRRAMYNII
QAHARAYDGIKSVSKKPVGIIYANSSFQPLTDKDMEAVEMAENDNRWWFFDAIIRGEITRGNEKIVRDDLKGRLDWIGVN
YYTRTVVKRTEKGYVSLGGYGHGCERNSVSLAGLPTSDFGWEFFPEGLYDVLTKYWNRYHLYMYVTENGIADDADYQRPY
YLVSHVYQVHRAINSGADVRGYLHWSLADNYEWASGFSMRFGLLKVDYNTKRLYWRPSALVYREIATNGAITDEIEHLNS
VPPVKPLRH
;
_entity_poly.pdbx_strand_id   A,B
#
# COMPACT_ATOMS: atom_id res chain seq x y z
N MET A 1 0.25 -19.34 -26.78
CA MET A 1 1.72 -19.57 -26.88
C MET A 1 2.39 -18.43 -27.64
N TYR A 2 3.60 -18.07 -27.22
CA TYR A 2 4.38 -17.04 -27.90
C TYR A 2 5.71 -17.69 -28.29
N SER A 3 5.88 -17.95 -29.58
CA SER A 3 7.00 -18.74 -30.10
C SER A 3 8.05 -17.82 -30.69
N PHE A 4 9.31 -18.27 -30.61
CA PHE A 4 10.44 -17.51 -31.08
C PHE A 4 11.03 -18.15 -32.33
N PRO A 5 11.77 -17.39 -33.13
CA PRO A 5 12.46 -17.97 -34.29
C PRO A 5 13.32 -19.18 -33.91
N ASN A 6 13.45 -20.12 -34.84
CA ASN A 6 14.19 -21.35 -34.55
C ASN A 6 15.63 -21.06 -34.18
N SER A 7 16.19 -19.96 -34.66
CA SER A 7 17.57 -19.58 -34.39
C SER A 7 17.75 -18.78 -33.09
N PHE A 8 16.67 -18.35 -32.46
CA PHE A 8 16.75 -17.55 -31.25
C PHE A 8 17.25 -18.40 -30.08
N ARG A 9 18.14 -17.84 -29.25
CA ARG A 9 18.74 -18.60 -28.16
C ARG A 9 18.45 -17.96 -26.82
N PHE A 10 18.06 -18.79 -25.85
CA PHE A 10 17.90 -18.40 -24.46
C PHE A 10 19.12 -18.83 -23.68
N GLY A 11 19.61 -17.94 -22.82
CA GLY A 11 20.76 -18.31 -22.01
C GLY A 11 21.00 -17.39 -20.83
N TRP A 12 22.26 -17.06 -20.55
CA TRP A 12 22.57 -16.29 -19.36
C TRP A 12 23.86 -15.53 -19.56
N SER A 13 24.02 -14.50 -18.74
CA SER A 13 25.24 -13.71 -18.64
C SER A 13 25.79 -13.77 -17.23
N GLN A 14 27.10 -13.57 -17.13
CA GLN A 14 27.85 -13.75 -15.90
C GLN A 14 29.15 -12.95 -16.01
N ALA A 15 29.69 -12.46 -14.88
CA ALA A 15 30.92 -11.68 -14.84
C ALA A 15 32.00 -12.39 -14.05
N GLY A 16 33.27 -12.23 -14.45
CA GLY A 16 34.34 -12.95 -13.76
C GLY A 16 34.52 -12.54 -12.31
N PHE A 17 34.61 -11.24 -12.05
CA PHE A 17 34.85 -10.77 -10.69
C PHE A 17 33.74 -11.20 -9.76
N GLN A 18 32.51 -11.26 -10.28
CA GLN A 18 31.34 -11.52 -9.46
C GLN A 18 31.15 -13.00 -9.19
N SER A 19 31.60 -13.89 -10.09
CA SER A 19 31.32 -15.31 -9.97
C SER A 19 32.51 -16.25 -9.84
N GLU A 20 33.71 -15.87 -10.31
CA GLU A 20 34.81 -16.83 -10.39
C GLU A 20 35.31 -17.31 -9.02
N MET A 21 35.51 -16.38 -8.08
CA MET A 21 36.22 -16.75 -6.85
C MET A 21 35.30 -17.48 -5.88
N GLY A 22 35.93 -18.28 -5.01
CA GLY A 22 35.25 -18.96 -3.92
C GLY A 22 35.76 -20.37 -3.68
N THR A 23 36.47 -20.92 -4.66
CA THR A 23 37.09 -22.24 -4.52
C THR A 23 38.58 -22.09 -4.27
N PRO A 24 39.21 -23.12 -3.69
CA PRO A 24 40.64 -23.03 -3.39
C PRO A 24 41.46 -22.68 -4.63
N GLY A 25 42.34 -21.69 -4.45
CA GLY A 25 43.24 -21.29 -5.51
C GLY A 25 42.63 -20.38 -6.54
N SER A 26 41.43 -19.87 -6.32
CA SER A 26 40.75 -19.06 -7.34
C SER A 26 40.90 -17.57 -7.14
N GLU A 27 41.47 -17.14 -6.03
CA GLU A 27 41.51 -15.71 -5.72
C GLU A 27 42.32 -14.92 -6.77
N ASP A 28 41.79 -13.77 -7.19
CA ASP A 28 42.50 -12.81 -8.05
C ASP A 28 42.66 -11.54 -7.24
N PRO A 29 43.79 -11.38 -6.54
CA PRO A 29 43.99 -10.20 -5.70
C PRO A 29 44.51 -8.96 -6.42
N ASN A 30 44.53 -8.92 -7.75
CA ASN A 30 45.36 -7.94 -8.44
C ASN A 30 44.58 -6.90 -9.22
N THR A 31 43.29 -6.70 -8.92
CA THR A 31 42.49 -5.68 -9.59
C THR A 31 42.28 -4.44 -8.72
N ASP A 32 41.90 -3.35 -9.39
CA ASP A 32 41.41 -2.19 -8.65
C ASP A 32 40.20 -2.59 -7.79
N GLY A 33 39.36 -3.47 -8.32
CA GLY A 33 38.15 -3.84 -7.57
C GLY A 33 38.46 -4.60 -6.30
N TYR A 34 39.43 -5.51 -6.36
CA TYR A 34 39.81 -6.25 -5.17
C TYR A 34 40.34 -5.30 -4.09
N LYS A 35 41.23 -4.37 -4.46
CA LYS A 35 41.73 -3.41 -3.49
C LYS A 35 40.58 -2.56 -2.92
N TRP A 36 39.69 -2.10 -3.79
CA TRP A 36 38.59 -1.22 -3.44
C TRP A 36 37.67 -1.86 -2.39
N VAL A 37 37.27 -3.12 -2.59
CA VAL A 37 36.30 -3.73 -1.67
C VAL A 37 36.95 -4.24 -0.40
N HIS A 38 38.28 -4.31 -0.33
CA HIS A 38 38.98 -4.67 0.91
C HIS A 38 39.44 -3.44 1.69
N ASP A 39 39.24 -2.25 1.15
CA ASP A 39 39.86 -1.07 1.74
C ASP A 39 39.20 -0.73 3.08
N PRO A 40 39.98 -0.60 4.16
CA PRO A 40 39.35 -0.31 5.47
C PRO A 40 38.52 0.97 5.49
N GLU A 41 39.00 2.06 4.90
CA GLU A 41 38.23 3.30 4.89
C GLU A 41 36.93 3.16 4.12
N ASN A 42 36.95 2.49 2.96
CA ASN A 42 35.69 2.26 2.23
C ASN A 42 34.72 1.46 3.06
N MET A 43 35.21 0.45 3.80
CA MET A 43 34.31 -0.34 4.65
C MET A 43 33.74 0.49 5.81
N ALA A 44 34.59 1.29 6.46
CA ALA A 44 34.13 2.12 7.56
C ALA A 44 33.08 3.13 7.12
N ALA A 45 33.21 3.64 5.89
CA ALA A 45 32.27 4.58 5.31
C ALA A 45 30.98 3.92 4.82
N GLY A 46 30.94 2.59 4.77
CA GLY A 46 29.83 1.90 4.16
C GLY A 46 29.70 2.07 2.66
N LEU A 47 30.78 2.51 2.00
CA LEU A 47 30.79 2.53 0.54
C LEU A 47 30.74 1.13 -0.04
N VAL A 48 31.35 0.16 0.62
CA VAL A 48 31.26 -1.24 0.24
C VAL A 48 30.70 -2.01 1.44
N SER A 49 30.17 -3.20 1.15
CA SER A 49 29.39 -3.93 2.15
C SER A 49 30.23 -4.61 3.22
N GLY A 50 31.50 -4.84 2.97
CA GLY A 50 32.31 -5.69 3.80
C GLY A 50 32.33 -7.14 3.37
N ASP A 51 31.40 -7.55 2.50
CA ASP A 51 31.50 -8.88 1.91
C ASP A 51 32.67 -8.88 0.95
N LEU A 52 33.29 -10.05 0.79
CA LEU A 52 34.49 -10.12 -0.02
C LEU A 52 34.34 -11.15 -1.13
N PRO A 53 34.79 -10.82 -2.35
CA PRO A 53 34.52 -11.67 -3.52
C PRO A 53 35.17 -13.04 -3.45
N GLU A 54 36.25 -13.19 -2.68
CA GLU A 54 36.92 -14.47 -2.58
C GLU A 54 36.10 -15.49 -1.81
N ASN A 55 34.97 -15.08 -1.22
CA ASN A 55 34.02 -16.01 -0.63
C ASN A 55 32.84 -16.29 -1.53
N GLY A 56 33.02 -16.11 -2.85
CA GLY A 56 31.96 -16.18 -3.82
C GLY A 56 31.55 -17.57 -4.25
N PRO A 57 30.84 -17.62 -5.38
CA PRO A 57 30.18 -18.87 -5.78
C PRO A 57 31.09 -19.90 -6.41
N GLY A 58 32.33 -19.55 -6.71
CA GLY A 58 33.30 -20.55 -7.10
C GLY A 58 33.26 -21.09 -8.52
N TYR A 59 32.90 -20.26 -9.50
CA TYR A 59 32.84 -20.72 -10.89
C TYR A 59 34.22 -21.17 -11.41
N TRP A 60 35.29 -20.53 -10.93
CA TRP A 60 36.64 -20.92 -11.37
C TRP A 60 36.87 -22.41 -11.17
N GLY A 61 36.49 -22.95 -10.01
CA GLY A 61 36.62 -24.37 -9.76
C GLY A 61 35.43 -25.23 -10.16
N ASN A 62 34.21 -24.68 -10.07
CA ASN A 62 33.00 -25.48 -10.18
C ASN A 62 32.25 -25.25 -11.49
N TYR A 63 32.92 -24.71 -12.51
CA TYR A 63 32.25 -24.35 -13.76
C TYR A 63 31.52 -25.54 -14.40
N LYS A 64 32.01 -26.78 -14.24
CA LYS A 64 31.32 -27.90 -14.87
C LYS A 64 29.93 -28.07 -14.28
N THR A 65 29.79 -27.84 -12.98
CA THR A 65 28.49 -27.90 -12.32
C THR A 65 27.58 -26.76 -12.78
N PHE A 66 28.10 -25.53 -12.90
CA PHE A 66 27.32 -24.46 -13.51
C PHE A 66 26.84 -24.88 -14.89
N HIS A 67 27.75 -25.35 -15.74
CA HIS A 67 27.35 -25.66 -17.11
C HIS A 67 26.39 -26.85 -17.18
N ASP A 68 26.56 -27.85 -16.30
CA ASP A 68 25.64 -28.99 -16.21
CA ASP A 68 25.63 -28.96 -16.31
C ASP A 68 24.21 -28.51 -16.02
N ASN A 69 24.04 -27.60 -15.05
CA ASN A 69 22.71 -27.07 -14.74
C ASN A 69 22.15 -26.23 -15.87
N ALA A 70 23.00 -25.43 -16.52
CA ALA A 70 22.53 -24.66 -17.67
C ALA A 70 22.07 -25.57 -18.80
N GLN A 71 22.81 -26.66 -19.04
CA GLN A 71 22.42 -27.59 -20.09
C GLN A 71 21.09 -28.27 -19.75
N LYS A 72 20.95 -28.71 -18.51
CA LYS A 72 19.68 -29.29 -18.06
C LYS A 72 18.52 -28.32 -18.16
N MET A 73 18.79 -27.02 -18.08
CA MET A 73 17.77 -25.98 -18.17
C MET A 73 17.47 -25.64 -19.62
N GLY A 74 18.16 -26.26 -20.59
CA GLY A 74 17.90 -26.01 -21.98
C GLY A 74 18.56 -24.79 -22.55
N LEU A 75 19.53 -24.22 -21.86
CA LEU A 75 20.10 -22.97 -22.31
C LEU A 75 21.07 -23.24 -23.46
N LYS A 76 21.13 -22.29 -24.40
CA LYS A 76 21.88 -22.44 -25.64
C LYS A 76 22.87 -21.33 -25.91
N ILE A 77 23.01 -20.34 -25.03
CA ILE A 77 23.95 -19.24 -25.26
C ILE A 77 24.43 -18.76 -23.90
N ALA A 78 25.70 -18.35 -23.84
CA ALA A 78 26.25 -17.75 -22.63
C ALA A 78 27.13 -16.58 -23.01
N ARG A 79 27.10 -15.54 -22.17
CA ARG A 79 28.04 -14.44 -22.28
C ARG A 79 28.83 -14.36 -20.99
N LEU A 80 30.16 -14.45 -21.12
CA LEU A 80 31.12 -14.47 -20.02
C LEU A 80 32.25 -13.49 -20.38
N ASN A 81 33.06 -13.07 -19.41
CA ASN A 81 34.27 -12.32 -19.75
C ASN A 81 35.51 -13.01 -19.19
N VAL A 82 36.64 -12.67 -19.79
N VAL A 82 36.66 -12.64 -19.81
CA VAL A 82 37.94 -12.97 -19.19
CA VAL A 82 38.00 -12.92 -19.28
C VAL A 82 38.35 -11.78 -18.36
C VAL A 82 38.40 -11.75 -18.39
N GLU A 83 38.98 -12.04 -17.23
CA GLU A 83 39.46 -10.98 -16.34
C GLU A 83 40.87 -10.60 -16.78
N TRP A 84 41.02 -9.39 -17.31
CA TRP A 84 42.32 -8.82 -17.71
C TRP A 84 43.42 -9.06 -16.68
N SER A 85 43.10 -8.79 -15.42
CA SER A 85 44.04 -8.96 -14.32
CA SER A 85 44.07 -8.95 -14.33
C SER A 85 44.56 -10.39 -14.20
N ARG A 86 43.73 -11.39 -14.49
CA ARG A 86 44.21 -12.77 -14.42
C ARG A 86 45.22 -13.05 -15.52
N ILE A 87 45.05 -12.44 -16.67
CA ILE A 87 45.92 -12.72 -17.82
C ILE A 87 47.23 -11.96 -17.67
N PHE A 88 47.18 -10.72 -17.17
CA PHE A 88 48.37 -9.88 -16.97
C PHE A 88 48.39 -9.39 -15.51
N PRO A 89 48.79 -10.27 -14.58
CA PRO A 89 48.81 -9.85 -13.16
C PRO A 89 49.94 -8.91 -12.82
N ASN A 90 50.96 -8.83 -13.67
CA ASN A 90 52.06 -7.92 -13.41
C ASN A 90 52.13 -6.93 -14.57
N PRO A 91 52.86 -5.81 -14.43
CA PRO A 91 52.72 -4.73 -15.41
C PRO A 91 53.40 -5.06 -16.72
N LEU A 92 52.92 -4.40 -17.78
CA LEU A 92 53.58 -4.48 -19.08
C LEU A 92 54.50 -3.29 -19.24
N PRO A 93 55.51 -3.41 -20.10
CA PRO A 93 56.40 -2.26 -20.34
C PRO A 93 55.64 -1.10 -20.96
N ARG A 94 55.89 0.11 -20.44
CA ARG A 94 55.25 1.32 -20.97
C ARG A 94 55.59 1.46 -22.45
N PRO A 95 54.61 1.82 -23.29
CA PRO A 95 54.86 1.83 -24.73
C PRO A 95 55.85 2.93 -25.10
N GLN A 96 56.76 2.60 -26.00
CA GLN A 96 57.83 3.53 -26.38
C GLN A 96 57.26 4.68 -27.19
N ASN A 97 56.96 4.43 -28.46
CA ASN A 97 56.55 5.50 -29.37
C ASN A 97 55.10 5.87 -29.14
N PHE A 98 54.74 6.20 -27.90
CA PHE A 98 53.38 6.52 -27.52
C PHE A 98 53.40 7.76 -26.64
N ASP A 99 52.63 8.77 -27.04
CA ASP A 99 52.61 10.07 -26.37
C ASP A 99 51.40 10.13 -25.44
N GLU A 100 51.65 9.99 -24.14
CA GLU A 100 50.56 9.97 -23.15
C GLU A 100 49.79 11.28 -23.08
N SER A 101 50.36 12.37 -23.63
CA SER A 101 49.73 13.69 -23.58
C SER A 101 48.77 13.93 -24.74
N LYS A 102 48.81 13.12 -25.77
CA LYS A 102 47.91 13.26 -26.91
C LYS A 102 46.50 12.84 -26.48
N GLN A 103 45.54 13.76 -26.62
CA GLN A 103 44.16 13.48 -26.20
C GLN A 103 43.53 12.35 -26.99
N ASP A 104 43.84 12.26 -28.28
CA ASP A 104 43.16 11.33 -29.16
C ASP A 104 44.03 10.11 -29.46
N VAL A 105 43.41 8.94 -29.43
CA VAL A 105 44.06 7.68 -29.78
C VAL A 105 43.34 7.15 -31.01
N THR A 106 43.90 7.38 -32.20
CA THR A 106 43.22 7.08 -33.45
C THR A 106 43.63 5.75 -34.06
N GLU A 107 44.72 5.15 -33.58
CA GLU A 107 45.18 3.87 -34.08
C GLU A 107 46.06 3.26 -32.99
N VAL A 108 45.95 1.96 -32.84
CA VAL A 108 46.81 1.15 -31.98
C VAL A 108 47.22 -0.02 -32.85
N GLU A 109 48.44 0.03 -33.37
CA GLU A 109 48.89 -1.00 -34.30
C GLU A 109 48.99 -2.36 -33.62
N ILE A 110 48.47 -3.38 -34.29
CA ILE A 110 48.56 -4.79 -33.87
C ILE A 110 49.30 -5.55 -34.96
N ASN A 111 50.26 -6.39 -34.56
CA ASN A 111 50.92 -7.26 -35.51
C ASN A 111 51.37 -8.53 -34.80
N GLU A 112 51.81 -9.50 -35.59
CA GLU A 112 52.15 -10.81 -35.04
C GLU A 112 53.28 -10.73 -34.02
N ASN A 113 54.32 -9.95 -34.31
CA ASN A 113 55.42 -9.89 -33.36
CA ASN A 113 55.45 -9.81 -33.38
C ASN A 113 54.97 -9.24 -32.05
N GLU A 114 54.15 -8.19 -32.11
CA GLU A 114 53.63 -7.57 -30.90
C GLU A 114 52.86 -8.58 -30.07
N LEU A 115 52.05 -9.42 -30.73
CA LEU A 115 51.26 -10.42 -30.03
C LEU A 115 52.14 -11.48 -29.40
N LYS A 116 53.21 -11.88 -30.08
CA LYS A 116 54.10 -12.88 -29.50
C LYS A 116 54.87 -12.33 -28.31
N ARG A 117 55.16 -11.03 -28.31
CA ARG A 117 55.83 -10.41 -27.17
C ARG A 117 54.88 -10.30 -25.98
N LEU A 118 53.65 -9.87 -26.24
CA LEU A 118 52.61 -9.88 -25.19
C LEU A 118 52.47 -11.26 -24.57
N ASP A 119 52.48 -12.30 -25.39
CA ASP A 119 52.35 -13.65 -24.90
C ASP A 119 53.38 -14.00 -23.84
N GLU A 120 54.56 -13.38 -23.89
CA GLU A 120 55.60 -13.67 -22.90
C GLU A 120 55.21 -13.23 -21.51
N TYR A 121 54.33 -12.24 -21.40
CA TYR A 121 53.97 -11.70 -20.11
C TYR A 121 52.63 -12.24 -19.60
N ALA A 122 51.96 -13.08 -20.36
CA ALA A 122 50.65 -13.58 -19.99
C ALA A 122 50.76 -14.76 -19.02
N ASN A 123 49.79 -14.86 -18.11
CA ASN A 123 49.72 -15.96 -17.16
C ASN A 123 49.16 -17.19 -17.89
N LYS A 124 50.03 -18.16 -18.15
CA LYS A 124 49.62 -19.30 -18.95
C LYS A 124 48.69 -20.22 -18.18
N ASP A 125 48.78 -20.22 -16.84
CA ASP A 125 47.88 -21.04 -16.04
C ASP A 125 46.46 -20.54 -16.17
N ALA A 126 46.28 -19.21 -16.11
CA ALA A 126 44.95 -18.63 -16.28
C ALA A 126 44.45 -18.82 -17.70
N LEU A 127 45.33 -18.63 -18.69
CA LEU A 127 44.91 -18.82 -20.08
C LEU A 127 44.43 -20.24 -20.31
N ASN A 128 45.19 -21.24 -19.84
CA ASN A 128 44.82 -22.63 -20.01
C ASN A 128 43.51 -22.94 -19.28
N HIS A 129 43.36 -22.37 -18.09
CA HIS A 129 42.14 -22.63 -17.34
C HIS A 129 40.92 -22.06 -18.06
N TYR A 130 41.00 -20.83 -18.55
CA TYR A 130 39.91 -20.27 -19.35
C TYR A 130 39.63 -21.12 -20.58
N ARG A 131 40.68 -21.62 -21.26
CA ARG A 131 40.43 -22.49 -22.39
C ARG A 131 39.62 -23.71 -21.95
N GLU A 132 39.97 -24.29 -20.80
CA GLU A 132 39.22 -25.45 -20.32
C GLU A 132 37.77 -25.09 -20.02
N ILE A 133 37.55 -23.95 -19.39
CA ILE A 133 36.17 -23.51 -19.10
C ILE A 133 35.38 -23.37 -20.39
N PHE A 134 35.96 -22.68 -21.37
CA PHE A 134 35.25 -22.33 -22.60
C PHE A 134 35.06 -23.56 -23.49
N LYS A 135 36.03 -24.48 -23.48
CA LYS A 135 35.85 -25.75 -24.19
C LYS A 135 34.68 -26.54 -23.61
N ASP A 136 34.58 -26.58 -22.28
CA ASP A 136 33.50 -27.30 -21.63
C ASP A 136 32.16 -26.68 -21.99
N LEU A 137 32.11 -25.34 -21.97
CA LEU A 137 30.94 -24.61 -22.44
C LEU A 137 30.55 -25.02 -23.85
N LYS A 138 31.50 -24.96 -24.79
CA LYS A 138 31.18 -25.27 -26.17
CA LYS A 138 31.17 -25.27 -26.18
C LYS A 138 30.76 -26.73 -26.34
N SER A 139 31.33 -27.64 -25.55
CA SER A 139 30.95 -29.04 -25.64
C SER A 139 29.51 -29.32 -25.21
N ARG A 140 28.84 -28.36 -24.55
CA ARG A 140 27.42 -28.51 -24.25
C ARG A 140 26.53 -27.96 -25.36
N GLY A 141 27.09 -27.53 -26.47
CA GLY A 141 26.31 -26.88 -27.51
C GLY A 141 25.90 -25.46 -27.23
N LEU A 142 26.57 -24.77 -26.31
CA LEU A 142 26.27 -23.38 -26.02
C LEU A 142 27.02 -22.47 -26.99
N TYR A 143 26.27 -21.55 -27.60
CA TYR A 143 26.84 -20.43 -28.34
C TYR A 143 27.51 -19.47 -27.36
N PHE A 144 28.65 -18.92 -27.76
CA PHE A 144 29.55 -18.24 -26.81
C PHE A 144 29.80 -16.79 -27.24
N ILE A 145 29.34 -15.85 -26.43
CA ILE A 145 29.69 -14.44 -26.56
C ILE A 145 30.77 -14.14 -25.53
N LEU A 146 31.96 -13.76 -26.00
CA LEU A 146 33.06 -13.40 -25.11
C LEU A 146 33.16 -11.89 -25.00
N ASN A 147 33.02 -11.38 -23.78
CA ASN A 147 33.16 -9.98 -23.46
C ASN A 147 34.55 -9.76 -22.88
N MET A 148 35.21 -8.67 -23.28
CA MET A 148 36.59 -8.46 -22.87
C MET A 148 36.72 -7.79 -21.51
N TYR A 149 35.71 -7.01 -21.08
CA TYR A 149 35.91 -6.10 -19.94
C TYR A 149 34.59 -5.95 -19.21
N HIS A 150 34.60 -6.20 -17.91
CA HIS A 150 33.37 -6.07 -17.07
C HIS A 150 33.70 -5.38 -15.74
N TRP A 151 34.49 -4.33 -15.81
CA TRP A 151 34.74 -3.25 -14.84
C TRP A 151 36.10 -3.31 -14.13
N PRO A 152 36.50 -4.40 -13.49
CA PRO A 152 37.80 -4.40 -12.81
C PRO A 152 38.94 -4.25 -13.81
N LEU A 153 39.90 -3.44 -13.46
CA LEU A 153 41.16 -3.24 -14.20
C LEU A 153 42.35 -3.78 -13.42
N PRO A 154 43.44 -4.18 -14.08
CA PRO A 154 44.67 -4.47 -13.35
C PRO A 154 45.07 -3.29 -12.49
N LEU A 155 45.53 -3.58 -11.27
CA LEU A 155 45.94 -2.50 -10.38
C LEU A 155 47.08 -1.71 -11.00
N TRP A 156 47.92 -2.34 -11.84
CA TRP A 156 49.00 -1.61 -12.46
C TRP A 156 48.51 -0.57 -13.47
N LEU A 157 47.23 -0.60 -13.87
CA LEU A 157 46.62 0.47 -14.65
C LEU A 157 45.73 1.41 -13.84
N HIS A 158 45.31 1.01 -12.63
CA HIS A 158 44.39 1.86 -11.87
C HIS A 158 44.53 1.55 -10.39
N ASP A 159 45.09 2.50 -9.62
CA ASP A 159 45.02 2.38 -8.18
C ASP A 159 43.88 3.27 -7.73
N PRO A 160 42.73 2.71 -7.35
CA PRO A 160 41.54 3.53 -7.11
C PRO A 160 41.57 4.25 -5.79
N ILE A 161 42.37 3.79 -4.83
CA ILE A 161 42.45 4.47 -3.54
C ILE A 161 43.26 5.75 -3.67
N ARG A 162 44.33 5.70 -4.45
CA ARG A 162 45.11 6.89 -4.73
C ARG A 162 44.27 7.96 -5.40
N VAL A 163 43.45 7.57 -6.38
CA VAL A 163 42.58 8.53 -7.06
C VAL A 163 41.48 9.03 -6.13
N ARG A 164 40.85 8.12 -5.37
CA ARG A 164 39.87 8.55 -4.38
C ARG A 164 40.40 9.67 -3.53
N ARG A 165 41.68 9.58 -3.13
CA ARG A 165 42.31 10.56 -2.26
C ARG A 165 42.70 11.85 -3.00
N GLY A 166 42.49 11.93 -4.30
CA GLY A 166 42.81 13.11 -5.07
C GLY A 166 44.23 13.16 -5.61
N ASP A 167 44.93 12.03 -5.56
CA ASP A 167 46.28 11.89 -6.10
C ASP A 167 46.19 11.32 -7.52
N PHE A 168 46.57 12.15 -8.52
CA PHE A 168 46.49 11.75 -9.91
C PHE A 168 47.88 11.51 -10.51
N THR A 169 48.88 11.25 -9.68
CA THR A 169 50.24 11.01 -10.17
C THR A 169 50.51 9.53 -10.46
N GLY A 170 49.56 8.64 -10.14
CA GLY A 170 49.73 7.22 -10.31
C GLY A 170 48.89 6.66 -11.43
N PRO A 171 48.79 5.34 -11.53
CA PRO A 171 47.94 4.72 -12.57
C PRO A 171 46.49 5.12 -12.33
N SER A 172 45.89 5.79 -13.32
CA SER A 172 44.61 6.47 -13.08
CA SER A 172 44.63 6.51 -13.13
C SER A 172 43.46 5.90 -13.91
N GLY A 173 43.55 4.63 -14.30
CA GLY A 173 42.44 3.97 -14.98
C GLY A 173 42.02 4.65 -16.28
N TRP A 174 40.71 4.83 -16.46
CA TRP A 174 40.20 5.40 -17.71
C TRP A 174 40.50 6.90 -17.85
N LEU A 175 41.15 7.50 -16.84
CA LEU A 175 41.61 8.87 -17.00
C LEU A 175 42.89 8.94 -17.82
N SER A 176 43.48 7.82 -18.17
CA SER A 176 44.77 7.76 -18.85
C SER A 176 44.66 7.08 -20.20
N THR A 177 45.25 7.70 -21.25
CA THR A 177 45.29 7.01 -22.54
C THR A 177 46.18 5.78 -22.53
N ARG A 178 47.01 5.59 -21.51
CA ARG A 178 47.72 4.32 -21.41
C ARG A 178 46.73 3.18 -21.32
N THR A 179 45.65 3.39 -20.61
CA THR A 179 44.66 2.32 -20.47
C THR A 179 43.96 2.05 -21.80
N VAL A 180 43.73 3.10 -22.59
CA VAL A 180 43.13 2.94 -23.91
C VAL A 180 44.02 2.07 -24.77
N TYR A 181 45.29 2.45 -24.84
CA TYR A 181 46.27 1.70 -25.62
C TYR A 181 46.34 0.24 -25.17
N GLU A 182 46.47 -0.01 -23.86
CA GLU A 182 46.63 -1.40 -23.41
C GLU A 182 45.33 -2.20 -23.55
N PHE A 183 44.16 -1.56 -23.45
CA PHE A 183 42.92 -2.32 -23.63
C PHE A 183 42.79 -2.83 -25.07
N ALA A 184 43.12 -1.99 -26.05
CA ALA A 184 43.11 -2.42 -27.45
C ALA A 184 44.02 -3.62 -27.65
N ARG A 185 45.23 -3.56 -27.11
CA ARG A 185 46.15 -4.68 -27.27
C ARG A 185 45.67 -5.92 -26.53
N PHE A 186 45.07 -5.74 -25.35
CA PHE A 186 44.54 -6.87 -24.61
C PHE A 186 43.43 -7.56 -25.41
N SER A 187 42.53 -6.78 -25.98
CA SER A 187 41.39 -7.34 -26.71
C SER A 187 41.86 -8.11 -27.94
N ALA A 188 42.81 -7.53 -28.68
CA ALA A 188 43.38 -8.22 -29.82
C ALA A 188 44.02 -9.53 -29.39
N TYR A 189 44.80 -9.49 -28.29
CA TYR A 189 45.49 -10.67 -27.80
C TYR A 189 44.52 -11.79 -27.43
N ILE A 190 43.43 -11.45 -26.72
CA ILE A 190 42.48 -12.48 -26.33
C ILE A 190 41.80 -13.10 -27.55
N ALA A 191 41.40 -12.28 -28.52
CA ALA A 191 40.78 -12.83 -29.73
C ALA A 191 41.76 -13.73 -30.48
N TRP A 192 43.02 -13.33 -30.50
CA TRP A 192 44.06 -14.14 -31.13
C TRP A 192 44.19 -15.48 -30.44
N LYS A 193 44.07 -15.51 -29.10
CA LYS A 193 44.21 -16.75 -28.35
C LYS A 193 42.96 -17.61 -28.38
N PHE A 194 41.76 -17.02 -28.44
CA PHE A 194 40.53 -17.78 -28.22
C PHE A 194 39.55 -17.81 -29.40
N ASP A 195 39.88 -17.21 -30.54
CA ASP A 195 38.93 -17.06 -31.64
C ASP A 195 38.31 -18.39 -32.06
N ASP A 196 39.04 -19.51 -31.88
CA ASP A 196 38.51 -20.81 -32.27
C ASP A 196 37.32 -21.24 -31.41
N LEU A 197 37.16 -20.66 -30.22
CA LEU A 197 36.06 -21.03 -29.34
C LEU A 197 34.93 -20.01 -29.33
N VAL A 198 35.18 -18.79 -29.77
CA VAL A 198 34.25 -17.68 -29.64
C VAL A 198 33.32 -17.61 -30.85
N ASP A 199 32.03 -17.37 -30.60
CA ASP A 199 31.09 -17.11 -31.68
C ASP A 199 30.93 -15.62 -31.98
N GLU A 200 30.79 -14.77 -30.96
CA GLU A 200 30.76 -13.33 -31.13
C GLU A 200 31.48 -12.68 -29.95
N TYR A 201 31.94 -11.44 -30.16
CA TYR A 201 32.68 -10.66 -29.17
C TYR A 201 31.88 -9.44 -28.72
N SER A 202 32.10 -9.07 -27.45
CA SER A 202 31.78 -7.74 -26.96
C SER A 202 33.05 -7.12 -26.41
N THR A 203 33.26 -5.83 -26.69
CA THR A 203 34.43 -5.17 -26.12
C THR A 203 34.25 -4.95 -24.63
N MET A 204 33.09 -4.43 -24.22
CA MET A 204 32.92 -4.02 -22.83
C MET A 204 31.47 -4.15 -22.37
N ASN A 205 31.30 -4.06 -21.05
CA ASN A 205 30.00 -4.17 -20.38
C ASN A 205 29.73 -2.87 -19.66
N GLU A 206 28.63 -2.21 -20.02
CA GLU A 206 28.14 -1.02 -19.32
C GLU A 206 29.21 0.06 -19.11
N PRO A 207 29.83 0.54 -20.19
CA PRO A 207 30.84 1.60 -20.03
C PRO A 207 30.25 2.86 -19.41
N ASN A 208 28.95 3.13 -19.63
CA ASN A 208 28.34 4.33 -19.08
C ASN A 208 28.29 4.27 -17.55
N VAL A 209 28.24 3.07 -16.97
CA VAL A 209 28.27 2.92 -15.52
C VAL A 209 29.65 3.24 -14.96
N VAL A 210 30.70 2.82 -15.68
CA VAL A 210 32.07 3.11 -15.25
C VAL A 210 32.26 4.61 -15.08
N GLY A 211 31.88 5.40 -16.09
CA GLY A 211 32.05 6.83 -16.01
C GLY A 211 31.04 7.49 -15.11
N GLY A 212 29.79 7.01 -15.13
CA GLY A 212 28.74 7.68 -14.39
C GLY A 212 28.82 7.44 -12.89
N LEU A 213 28.93 6.17 -12.49
CA LEU A 213 29.04 5.88 -11.06
C LEU A 213 30.45 6.13 -10.52
N GLY A 214 31.50 5.94 -11.30
CA GLY A 214 32.84 6.14 -10.75
C GLY A 214 33.13 7.58 -10.39
N TYR A 215 32.54 8.52 -11.12
CA TYR A 215 32.94 9.92 -11.01
C TYR A 215 31.79 10.89 -10.77
N VAL A 216 30.55 10.41 -10.70
CA VAL A 216 29.44 11.29 -10.34
C VAL A 216 28.60 10.64 -9.24
N GLY A 217 28.12 9.44 -9.49
CA GLY A 217 27.30 8.73 -8.51
C GLY A 217 28.12 8.05 -7.43
N VAL A 218 28.90 8.85 -6.70
CA VAL A 218 29.96 8.35 -5.84
C VAL A 218 29.44 7.72 -4.55
N LYS A 219 28.16 7.90 -4.21
CA LYS A 219 27.64 7.14 -3.08
C LYS A 219 27.43 5.67 -3.41
N SER A 220 27.49 5.31 -4.70
CA SER A 220 27.25 3.93 -5.11
C SER A 220 28.36 2.97 -4.70
N GLY A 221 29.55 3.47 -4.37
CA GLY A 221 30.66 2.59 -4.08
C GLY A 221 31.37 2.03 -5.29
N PHE A 222 31.24 2.68 -6.44
CA PHE A 222 31.94 2.27 -7.67
C PHE A 222 33.31 2.96 -7.73
N PRO A 223 34.42 2.24 -7.90
CA PRO A 223 35.73 2.92 -7.88
C PRO A 223 35.88 3.88 -9.07
N PRO A 224 36.65 4.96 -8.88
CA PRO A 224 37.42 5.33 -7.70
C PRO A 224 36.68 6.27 -6.75
N GLY A 225 35.40 6.50 -6.99
CA GLY A 225 34.62 7.39 -6.14
C GLY A 225 35.20 8.77 -5.99
N TYR A 226 35.66 9.38 -7.10
CA TYR A 226 36.15 10.76 -7.12
C TYR A 226 35.14 11.64 -7.85
N LEU A 227 34.50 12.56 -7.13
CA LEU A 227 33.39 13.34 -7.65
C LEU A 227 33.91 14.45 -8.58
N SER A 228 33.64 14.32 -9.88
CA SER A 228 34.09 15.32 -10.85
C SER A 228 33.31 15.14 -12.16
N PHE A 229 32.50 16.14 -12.53
CA PHE A 229 31.90 16.15 -13.86
C PHE A 229 32.99 16.07 -14.93
N GLU A 230 34.01 16.93 -14.80
CA GLU A 230 35.07 16.98 -15.82
C GLU A 230 35.72 15.63 -16.03
N LEU A 231 36.09 14.95 -14.94
CA LEU A 231 36.76 13.66 -15.10
C LEU A 231 35.83 12.56 -15.55
N SER A 232 34.54 12.62 -15.19
CA SER A 232 33.58 11.69 -15.77
CA SER A 232 33.61 11.67 -15.76
C SER A 232 33.59 11.78 -17.28
N ARG A 233 33.61 13.01 -17.83
CA ARG A 233 33.65 13.19 -19.27
C ARG A 233 34.94 12.65 -19.86
N ARG A 234 36.06 12.93 -19.20
CA ARG A 234 37.34 12.43 -19.69
C ARG A 234 37.35 10.90 -19.70
N ALA A 235 36.82 10.26 -18.66
CA ALA A 235 36.76 8.81 -18.64
C ALA A 235 35.90 8.26 -19.78
N MET A 236 34.75 8.90 -20.04
CA MET A 236 33.88 8.40 -21.11
C MET A 236 34.51 8.62 -22.48
N TYR A 237 35.20 9.74 -22.67
CA TYR A 237 35.90 9.97 -23.94
C TYR A 237 36.91 8.87 -24.18
N ASN A 238 37.73 8.54 -23.19
CA ASN A 238 38.71 7.46 -23.32
C ASN A 238 38.05 6.09 -23.51
N ILE A 239 36.96 5.82 -22.80
CA ILE A 239 36.36 4.51 -22.99
C ILE A 239 35.77 4.36 -24.39
N ILE A 240 35.25 5.44 -24.97
CA ILE A 240 34.75 5.42 -26.36
C ILE A 240 35.88 5.07 -27.32
N GLN A 241 37.00 5.79 -27.23
CA GLN A 241 38.07 5.48 -28.19
C GLN A 241 38.71 4.13 -27.88
N ALA A 242 38.69 3.69 -26.62
CA ALA A 242 39.14 2.34 -26.29
C ALA A 242 38.25 1.29 -26.95
N HIS A 243 36.93 1.53 -26.99
CA HIS A 243 36.08 0.61 -27.70
C HIS A 243 36.48 0.53 -29.17
N ALA A 244 36.67 1.69 -29.81
CA ALA A 244 37.01 1.71 -31.23
C ALA A 244 38.34 1.01 -31.50
N ARG A 245 39.35 1.28 -30.68
CA ARG A 245 40.67 0.67 -30.88
C ARG A 245 40.63 -0.81 -30.58
N ALA A 246 39.78 -1.26 -29.66
CA ALA A 246 39.61 -2.69 -29.43
C ALA A 246 38.82 -3.36 -30.57
N TYR A 247 37.83 -2.65 -31.12
CA TYR A 247 37.13 -3.17 -32.29
C TYR A 247 38.13 -3.45 -33.42
N ASP A 248 38.90 -2.44 -33.78
CA ASP A 248 39.91 -2.60 -34.83
C ASP A 248 40.92 -3.68 -34.48
N GLY A 249 41.35 -3.72 -33.22
CA GLY A 249 42.26 -4.75 -32.76
C GLY A 249 41.72 -6.15 -32.96
N ILE A 250 40.48 -6.40 -32.53
CA ILE A 250 39.91 -7.73 -32.72
C ILE A 250 39.76 -8.03 -34.21
N LYS A 251 39.34 -7.03 -35.00
CA LYS A 251 39.12 -7.28 -36.42
C LYS A 251 40.43 -7.56 -37.15
N SER A 252 41.56 -7.15 -36.58
CA SER A 252 42.85 -7.46 -37.19
C SER A 252 43.19 -8.96 -37.07
N VAL A 253 42.50 -9.70 -36.19
CA VAL A 253 42.81 -11.12 -36.01
C VAL A 253 41.59 -12.02 -36.19
N SER A 254 40.41 -11.43 -36.30
CA SER A 254 39.19 -12.24 -36.36
C SER A 254 38.24 -11.60 -37.35
N LYS A 255 37.38 -12.45 -37.95
CA LYS A 255 36.29 -12.01 -38.82
C LYS A 255 34.96 -11.95 -38.08
N LYS A 256 34.92 -12.34 -36.81
CA LYS A 256 33.64 -12.54 -36.14
C LYS A 256 33.02 -11.22 -35.70
N PRO A 257 31.73 -11.23 -35.36
CA PRO A 257 31.06 -9.98 -35.01
C PRO A 257 31.60 -9.41 -33.71
N VAL A 258 31.71 -8.08 -33.66
CA VAL A 258 32.15 -7.38 -32.45
C VAL A 258 31.11 -6.34 -32.08
N GLY A 259 30.57 -6.46 -30.87
CA GLY A 259 29.62 -5.47 -30.41
C GLY A 259 30.00 -4.86 -29.07
N ILE A 260 29.01 -4.31 -28.37
CA ILE A 260 29.22 -3.69 -27.07
C ILE A 260 27.94 -3.91 -26.28
N ILE A 261 28.06 -3.88 -24.95
CA ILE A 261 26.94 -4.14 -24.01
C ILE A 261 26.79 -2.90 -23.14
N TYR A 262 25.55 -2.43 -22.98
CA TYR A 262 25.30 -1.10 -22.45
C TYR A 262 24.21 -1.19 -21.40
N ALA A 263 24.29 -0.33 -20.40
CA ALA A 263 23.31 -0.25 -19.32
C ALA A 263 22.16 0.67 -19.76
N ASN A 264 20.97 0.10 -19.95
CA ASN A 264 19.85 0.82 -20.52
C ASN A 264 18.74 1.02 -19.49
N SER A 265 18.05 2.13 -19.63
CA SER A 265 16.78 2.35 -18.96
C SER A 265 15.75 2.76 -20.00
N SER A 266 14.48 2.52 -19.72
CA SER A 266 13.40 3.02 -20.56
C SER A 266 12.91 4.31 -19.93
N PHE A 267 13.09 5.43 -20.63
CA PHE A 267 12.73 6.75 -20.11
C PHE A 267 11.26 7.03 -20.40
N GLN A 268 10.50 7.30 -19.33
CA GLN A 268 9.05 7.37 -19.39
C GLN A 268 8.58 8.74 -18.89
N PRO A 269 7.56 9.32 -19.52
CA PRO A 269 7.12 10.67 -19.11
C PRO A 269 6.23 10.61 -17.88
N LEU A 270 6.47 11.50 -16.93
CA LEU A 270 5.59 11.58 -15.77
C LEU A 270 4.17 11.91 -16.21
N THR A 271 4.02 12.82 -17.17
CA THR A 271 2.73 13.25 -17.71
C THR A 271 2.86 13.38 -19.22
N ASP A 272 1.70 13.53 -19.90
CA ASP A 272 1.73 13.67 -21.35
C ASP A 272 2.44 14.94 -21.81
N LYS A 273 2.73 15.86 -20.90
CA LYS A 273 3.45 17.07 -21.23
C LYS A 273 4.98 16.91 -21.16
N ASP A 274 5.47 15.67 -21.03
CA ASP A 274 6.88 15.44 -20.72
C ASP A 274 7.59 14.63 -21.81
N MET A 275 7.04 14.56 -23.02
CA MET A 275 7.68 13.75 -24.05
C MET A 275 9.02 14.32 -24.49
N GLU A 276 9.19 15.65 -24.47
CA GLU A 276 10.47 16.21 -24.83
C GLU A 276 11.51 15.91 -23.76
N ALA A 277 11.08 15.79 -22.50
CA ALA A 277 12.03 15.39 -21.45
C ALA A 277 12.54 13.98 -21.72
N VAL A 278 11.66 13.10 -22.24
CA VAL A 278 12.07 11.74 -22.58
C VAL A 278 13.15 11.78 -23.65
N GLU A 279 12.92 12.56 -24.70
CA GLU A 279 13.89 12.64 -25.80
C GLU A 279 15.23 13.17 -25.31
N MET A 280 15.20 14.20 -24.47
CA MET A 280 16.43 14.75 -23.90
C MET A 280 17.18 13.70 -23.08
N ALA A 281 16.45 12.96 -22.25
CA ALA A 281 17.09 11.93 -21.44
C ALA A 281 17.68 10.83 -22.32
N GLU A 282 16.98 10.45 -23.39
CA GLU A 282 17.53 9.45 -24.30
C GLU A 282 18.78 9.97 -24.99
N ASN A 283 18.78 11.26 -25.34
CA ASN A 283 19.99 11.86 -25.90
C ASN A 283 21.14 11.84 -24.91
N ASP A 284 20.88 12.24 -23.67
CA ASP A 284 21.92 12.41 -22.67
C ASP A 284 22.41 11.09 -22.10
N ASN A 285 21.64 10.00 -22.19
CA ASN A 285 22.04 8.74 -21.59
C ASN A 285 22.37 7.65 -22.59
N ARG A 286 21.88 7.75 -23.83
CA ARG A 286 22.00 6.65 -24.78
C ARG A 286 22.60 7.09 -26.11
N TRP A 287 21.96 8.07 -26.78
CA TRP A 287 22.31 8.35 -28.18
C TRP A 287 23.68 9.02 -28.31
N TRP A 288 24.07 9.88 -27.37
CA TRP A 288 25.38 10.52 -27.48
C TRP A 288 26.48 9.48 -27.60
N PHE A 289 26.36 8.37 -26.87
CA PHE A 289 27.41 7.35 -26.84
C PHE A 289 27.42 6.53 -28.12
N PHE A 290 26.24 6.09 -28.56
CA PHE A 290 26.16 5.26 -29.74
C PHE A 290 26.35 6.06 -31.02
N ASP A 291 25.91 7.32 -31.04
CA ASP A 291 26.23 8.14 -32.20
C ASP A 291 27.75 8.26 -32.35
N ALA A 292 28.47 8.22 -31.24
CA ALA A 292 29.94 8.33 -31.30
C ALA A 292 30.57 7.10 -31.91
N ILE A 293 30.19 5.89 -31.46
CA ILE A 293 30.89 4.70 -31.94
C ILE A 293 30.27 4.11 -33.20
N ILE A 294 29.10 4.58 -33.64
CA ILE A 294 28.50 4.14 -34.89
C ILE A 294 28.65 5.21 -35.98
N ARG A 295 28.38 6.47 -35.65
CA ARG A 295 28.41 7.55 -36.62
C ARG A 295 29.66 8.42 -36.51
N GLY A 296 30.53 8.15 -35.54
CA GLY A 296 31.73 8.94 -35.36
C GLY A 296 31.51 10.32 -34.79
N GLU A 297 30.29 10.63 -34.34
CA GLU A 297 29.94 11.98 -33.93
C GLU A 297 30.30 12.19 -32.47
N ILE A 298 31.13 13.20 -32.20
CA ILE A 298 31.60 13.46 -30.85
C ILE A 298 31.84 14.95 -30.70
N THR A 299 31.96 15.40 -29.45
CA THR A 299 32.13 16.82 -29.17
C THR A 299 33.57 17.12 -28.81
N LYS A 304 30.61 19.93 -32.41
CA LYS A 304 30.49 18.61 -33.00
C LYS A 304 31.53 18.41 -34.10
N ILE A 305 32.09 17.19 -34.16
CA ILE A 305 32.97 16.74 -35.22
C ILE A 305 32.63 15.29 -35.52
N VAL A 306 33.08 14.81 -36.68
CA VAL A 306 33.07 13.39 -37.00
C VAL A 306 34.51 12.89 -37.05
N ARG A 307 34.82 11.89 -36.23
CA ARG A 307 36.09 11.21 -36.26
C ARG A 307 35.96 9.95 -37.10
N ASP A 308 36.74 9.88 -38.19
CA ASP A 308 36.65 8.73 -39.08
C ASP A 308 37.21 7.48 -38.43
N ASP A 309 37.99 7.62 -37.36
CA ASP A 309 38.53 6.45 -36.66
C ASP A 309 37.53 5.88 -35.64
N LEU A 310 36.45 6.59 -35.35
CA LEU A 310 35.36 6.06 -34.51
C LEU A 310 34.20 5.48 -35.32
N LYS A 311 33.94 6.02 -36.51
CA LYS A 311 32.77 5.66 -37.31
C LYS A 311 32.75 4.19 -37.69
N GLY A 312 31.57 3.57 -37.59
CA GLY A 312 31.33 2.20 -38.03
C GLY A 312 31.91 1.10 -37.18
N ARG A 313 32.36 1.41 -35.96
CA ARG A 313 32.99 0.43 -35.08
C ARG A 313 31.97 -0.31 -34.21
N LEU A 314 30.98 -0.94 -34.84
CA LEU A 314 30.00 -1.73 -34.08
C LEU A 314 29.20 -2.62 -35.01
N ASP A 315 29.12 -3.91 -34.68
CA ASP A 315 28.32 -4.86 -35.44
C ASP A 315 26.99 -5.21 -34.77
N TRP A 316 26.88 -5.07 -33.45
CA TRP A 316 25.66 -5.48 -32.75
C TRP A 316 25.60 -4.79 -31.39
N ILE A 317 24.42 -4.77 -30.78
CA ILE A 317 24.20 -4.04 -29.54
C ILE A 317 23.65 -5.01 -28.50
N GLY A 318 24.29 -5.04 -27.33
CA GLY A 318 23.81 -5.79 -26.20
C GLY A 318 23.02 -4.89 -25.27
N VAL A 319 21.74 -5.22 -25.07
CA VAL A 319 20.84 -4.45 -24.23
C VAL A 319 20.81 -5.07 -22.84
N ASN A 320 21.18 -4.27 -21.83
CA ASN A 320 21.04 -4.67 -20.43
C ASN A 320 19.91 -3.84 -19.86
N TYR A 321 18.82 -4.49 -19.48
CA TYR A 321 17.60 -3.77 -19.08
C TYR A 321 17.07 -4.36 -17.78
N TYR A 322 16.79 -3.48 -16.81
CA TYR A 322 16.17 -3.91 -15.55
C TYR A 322 14.88 -3.17 -15.20
N THR A 323 14.80 -1.86 -15.44
CA THR A 323 13.61 -1.10 -15.07
C THR A 323 13.63 0.23 -15.83
N ARG A 324 12.63 1.06 -15.56
CA ARG A 324 12.46 2.34 -16.25
C ARG A 324 13.09 3.48 -15.44
N THR A 325 13.02 4.68 -16.01
CA THR A 325 13.31 5.93 -15.32
C THR A 325 12.22 6.91 -15.72
N VAL A 326 11.55 7.52 -14.74
CA VAL A 326 10.47 8.47 -15.01
C VAL A 326 11.07 9.87 -14.95
N VAL A 327 10.77 10.68 -15.97
CA VAL A 327 11.33 12.02 -16.09
C VAL A 327 10.22 13.04 -16.28
N LYS A 328 10.51 14.27 -15.86
CA LYS A 328 9.64 15.40 -16.17
C LYS A 328 10.47 16.58 -16.68
N ARG A 329 9.82 17.44 -17.46
CA ARG A 329 10.46 18.65 -17.95
C ARG A 329 10.65 19.65 -16.82
N THR A 330 11.81 20.30 -16.79
CA THR A 330 12.07 21.42 -15.88
C THR A 330 12.34 22.67 -16.70
N GLU A 331 12.50 23.80 -16.01
CA GLU A 331 12.90 25.02 -16.68
C GLU A 331 14.27 24.84 -17.32
N LYS A 332 15.24 24.36 -16.54
CA LYS A 332 16.59 24.13 -17.06
C LYS A 332 16.63 22.99 -18.07
N GLY A 333 15.79 21.96 -17.92
CA GLY A 333 15.84 20.82 -18.82
C GLY A 333 14.93 19.66 -18.44
N TYR A 334 15.47 18.66 -17.76
CA TYR A 334 14.67 17.54 -17.27
C TYR A 334 15.27 17.01 -15.98
N VAL A 335 14.48 16.26 -15.22
CA VAL A 335 14.96 15.61 -14.01
C VAL A 335 14.31 14.24 -13.90
N SER A 336 15.02 13.31 -13.27
CA SER A 336 14.44 12.00 -12.97
CA SER A 336 14.46 12.00 -12.95
C SER A 336 13.77 12.05 -11.60
N LEU A 337 12.75 11.20 -11.42
CA LEU A 337 11.94 11.24 -10.22
CA LEU A 337 11.91 11.23 -10.23
C LEU A 337 12.20 10.02 -9.35
N GLY A 338 12.38 10.26 -8.06
CA GLY A 338 12.42 9.18 -7.11
C GLY A 338 11.04 8.57 -6.94
N GLY A 339 11.00 7.35 -6.38
CA GLY A 339 9.75 6.64 -6.25
C GLY A 339 9.30 5.86 -7.47
N TYR A 340 10.10 5.86 -8.54
CA TYR A 340 9.86 5.04 -9.71
C TYR A 340 11.17 4.41 -10.13
N GLY A 341 11.09 3.42 -11.00
CA GLY A 341 12.30 2.92 -11.65
C GLY A 341 13.30 2.34 -10.67
N HIS A 342 14.57 2.78 -10.77
CA HIS A 342 15.56 2.24 -9.86
CA HIS A 342 15.68 2.35 -9.93
C HIS A 342 15.69 3.05 -8.56
N GLY A 343 14.81 4.03 -8.34
CA GLY A 343 14.85 4.84 -7.13
C GLY A 343 13.68 4.63 -6.20
N CYS A 344 13.30 3.37 -5.99
CA CYS A 344 12.21 3.02 -5.11
C CYS A 344 12.72 2.44 -3.78
N GLU A 345 11.81 2.35 -2.81
CA GLU A 345 12.10 1.56 -1.63
C GLU A 345 12.23 0.08 -1.97
N ARG A 346 13.03 -0.65 -1.19
CA ARG A 346 13.21 -2.07 -1.39
C ARG A 346 11.97 -2.81 -0.87
N ASN A 347 11.58 -3.87 -1.59
CA ASN A 347 10.46 -4.73 -1.16
C ASN A 347 9.25 -3.91 -0.77
N SER A 348 8.79 -3.12 -1.74
CA SER A 348 7.69 -2.20 -1.53
C SER A 348 6.94 -2.05 -2.85
N VAL A 349 6.29 -0.90 -3.02
CA VAL A 349 5.60 -0.54 -4.25
C VAL A 349 6.07 0.85 -4.66
N SER A 350 6.08 1.08 -5.97
CA SER A 350 6.44 2.38 -6.50
C SER A 350 5.27 3.34 -6.37
N LEU A 351 5.54 4.59 -6.70
CA LEU A 351 4.47 5.59 -6.73
C LEU A 351 3.40 5.23 -7.75
N ALA A 352 3.69 4.36 -8.71
CA ALA A 352 2.71 3.91 -9.67
C ALA A 352 1.97 2.64 -9.22
N GLY A 353 2.24 2.15 -8.01
CA GLY A 353 1.62 0.93 -7.52
C GLY A 353 2.22 -0.35 -8.01
N LEU A 354 3.43 -0.32 -8.61
CA LEU A 354 4.08 -1.51 -9.12
C LEU A 354 5.05 -2.07 -8.09
N PRO A 355 5.19 -3.39 -7.98
CA PRO A 355 6.08 -3.96 -6.96
C PRO A 355 7.55 -3.70 -7.27
N THR A 356 8.34 -3.60 -6.19
CA THR A 356 9.76 -3.37 -6.29
C THR A 356 10.54 -4.56 -5.74
N SER A 357 11.77 -4.68 -6.22
CA SER A 357 12.59 -5.84 -5.93
C SER A 357 13.32 -5.69 -4.61
N ASP A 358 14.15 -6.69 -4.29
CA ASP A 358 15.02 -6.59 -3.12
C ASP A 358 15.99 -5.41 -3.21
N PHE A 359 16.22 -4.90 -4.42
CA PHE A 359 17.11 -3.78 -4.71
C PHE A 359 16.36 -2.45 -4.79
N GLY A 360 15.03 -2.48 -4.70
CA GLY A 360 14.26 -1.27 -4.87
C GLY A 360 13.99 -0.88 -6.31
N TRP A 361 13.99 -1.83 -7.23
CA TRP A 361 13.79 -1.56 -8.65
C TRP A 361 12.38 -1.97 -9.08
N GLU A 362 11.71 -1.06 -9.79
CA GLU A 362 10.29 -1.22 -10.13
C GLU A 362 10.09 -2.23 -11.25
N PHE A 363 9.01 -3.01 -11.14
CA PHE A 363 8.61 -3.95 -12.17
C PHE A 363 8.06 -3.20 -13.38
N PHE A 364 8.73 -3.25 -14.53
CA PHE A 364 8.29 -2.48 -15.71
C PHE A 364 8.75 -3.13 -17.01
N PRO A 365 8.17 -4.30 -17.34
CA PRO A 365 8.64 -5.03 -18.54
C PRO A 365 8.44 -4.28 -19.86
N GLU A 366 7.44 -3.40 -19.98
CA GLU A 366 7.22 -2.72 -21.25
C GLU A 366 8.42 -1.88 -21.65
N GLY A 367 9.23 -1.45 -20.68
CA GLY A 367 10.42 -0.70 -20.99
C GLY A 367 11.38 -1.43 -21.92
N LEU A 368 11.43 -2.75 -21.84
CA LEU A 368 12.33 -3.54 -22.69
C LEU A 368 11.90 -3.49 -24.16
N TYR A 369 10.60 -3.56 -24.42
CA TYR A 369 10.11 -3.32 -25.78
C TYR A 369 10.51 -1.92 -26.27
N ASP A 370 10.36 -0.90 -25.42
CA ASP A 370 10.71 0.47 -25.79
C ASP A 370 12.17 0.57 -26.22
N VAL A 371 13.07 0.01 -25.40
CA VAL A 371 14.51 0.15 -25.67
C VAL A 371 14.89 -0.61 -26.94
N LEU A 372 14.40 -1.83 -27.09
CA LEU A 372 14.76 -2.63 -28.27
C LEU A 372 14.30 -1.95 -29.55
N THR A 373 13.07 -1.44 -29.58
CA THR A 373 12.55 -0.83 -30.81
C THR A 373 13.17 0.54 -31.06
N LYS A 374 13.51 1.30 -30.01
CA LYS A 374 14.21 2.56 -30.20
C LYS A 374 15.58 2.34 -30.85
N TYR A 375 16.35 1.36 -30.34
CA TYR A 375 17.65 1.07 -30.95
C TYR A 375 17.49 0.64 -32.39
N TRP A 376 16.53 -0.25 -32.64
CA TRP A 376 16.37 -0.80 -33.98
C TRP A 376 16.05 0.29 -34.98
N ASN A 377 15.11 1.18 -34.62
CA ASN A 377 14.70 2.21 -35.56
C ASN A 377 15.80 3.24 -35.78
N ARG A 378 16.68 3.44 -34.82
CA ARG A 378 17.73 4.43 -35.03
C ARG A 378 18.89 3.88 -35.85
N TYR A 379 19.33 2.64 -35.58
CA TYR A 379 20.58 2.12 -36.12
C TYR A 379 20.44 0.88 -36.96
N HIS A 380 19.36 0.11 -36.79
CA HIS A 380 19.14 -1.12 -37.54
C HIS A 380 20.31 -2.09 -37.41
N LEU A 381 20.90 -2.14 -36.22
CA LEU A 381 21.88 -3.16 -35.86
C LEU A 381 21.20 -4.25 -35.03
N TYR A 382 21.52 -5.51 -35.30
CA TYR A 382 20.88 -6.56 -34.53
C TYR A 382 21.36 -6.55 -33.07
N MET A 383 20.57 -7.20 -32.23
CA MET A 383 20.67 -7.05 -30.78
C MET A 383 20.58 -8.40 -30.08
N TYR A 384 21.19 -8.44 -28.91
CA TYR A 384 20.92 -9.46 -27.91
C TYR A 384 20.45 -8.74 -26.67
N VAL A 385 19.48 -9.33 -25.95
CA VAL A 385 19.23 -8.85 -24.59
C VAL A 385 20.30 -9.54 -23.74
N THR A 386 21.34 -8.79 -23.38
CA THR A 386 22.48 -9.41 -22.69
C THR A 386 22.35 -9.40 -21.17
N GLU A 387 21.42 -8.63 -20.60
CA GLU A 387 21.09 -8.76 -19.19
C GLU A 387 19.65 -8.37 -18.97
N ASN A 388 19.00 -9.15 -18.11
CA ASN A 388 17.67 -8.87 -17.59
C ASN A 388 17.45 -9.79 -16.40
N GLY A 389 17.03 -9.24 -15.27
CA GLY A 389 16.86 -10.06 -14.09
C GLY A 389 16.40 -9.24 -12.91
N ILE A 390 16.33 -9.89 -11.76
CA ILE A 390 15.75 -9.25 -10.56
C ILE A 390 16.43 -9.76 -9.31
N ALA A 391 16.65 -8.85 -8.35
CA ALA A 391 17.13 -9.23 -7.01
C ALA A 391 15.95 -9.77 -6.21
N ASP A 392 15.95 -11.08 -5.98
CA ASP A 392 14.77 -11.76 -5.42
C ASP A 392 15.18 -13.11 -4.87
N ASP A 393 15.70 -13.10 -3.64
CA ASP A 393 16.16 -14.35 -3.01
C ASP A 393 14.99 -15.32 -2.82
N ALA A 394 13.83 -14.79 -2.44
CA ALA A 394 12.67 -15.64 -2.15
C ALA A 394 12.02 -16.24 -3.38
N ASP A 395 12.30 -15.66 -4.56
CA ASP A 395 11.72 -16.06 -5.85
C ASP A 395 10.24 -15.71 -6.00
N TYR A 396 9.74 -14.73 -5.24
CA TYR A 396 8.33 -14.37 -5.32
C TYR A 396 7.98 -13.74 -6.66
N GLN A 397 8.83 -12.82 -7.14
CA GLN A 397 8.51 -12.03 -8.32
C GLN A 397 9.18 -12.55 -9.59
N ARG A 398 10.28 -13.28 -9.45
CA ARG A 398 11.06 -13.65 -10.64
C ARG A 398 10.27 -14.45 -11.67
N PRO A 399 9.35 -15.36 -11.30
CA PRO A 399 8.62 -16.07 -12.37
C PRO A 399 7.88 -15.11 -13.31
N TYR A 400 7.23 -14.10 -12.74
CA TYR A 400 6.54 -13.08 -13.52
C TYR A 400 7.52 -12.19 -14.26
N TYR A 401 8.59 -11.79 -13.57
CA TYR A 401 9.60 -10.94 -14.20
C TYR A 401 10.17 -11.61 -15.45
N LEU A 402 10.54 -12.88 -15.32
CA LEU A 402 11.07 -13.66 -16.44
C LEU A 402 10.09 -13.73 -17.60
N VAL A 403 8.89 -14.26 -17.37
CA VAL A 403 7.96 -14.47 -18.47
C VAL A 403 7.54 -13.15 -19.12
N SER A 404 7.29 -12.12 -18.31
CA SER A 404 6.81 -10.84 -18.85
CA SER A 404 6.80 -10.86 -18.87
C SER A 404 7.87 -10.17 -19.73
N HIS A 405 9.14 -10.25 -19.30
CA HIS A 405 10.17 -9.59 -20.14
C HIS A 405 10.44 -10.40 -21.40
N VAL A 406 10.44 -11.73 -21.31
CA VAL A 406 10.56 -12.56 -22.52
C VAL A 406 9.42 -12.24 -23.49
N TYR A 407 8.20 -12.04 -22.97
CA TYR A 407 7.09 -11.68 -23.85
C TYR A 407 7.37 -10.37 -24.58
N GLN A 408 7.96 -9.39 -23.89
CA GLN A 408 8.24 -8.11 -24.51
C GLN A 408 9.30 -8.24 -25.61
N VAL A 409 10.18 -9.24 -25.51
CA VAL A 409 11.12 -9.47 -26.61
C VAL A 409 10.38 -10.04 -27.82
N HIS A 410 9.45 -10.96 -27.57
CA HIS A 410 8.59 -11.49 -28.63
C HIS A 410 7.88 -10.35 -29.35
N ARG A 411 7.29 -9.41 -28.58
CA ARG A 411 6.66 -8.24 -29.16
C ARG A 411 7.63 -7.46 -30.06
N ALA A 412 8.84 -7.23 -29.56
CA ALA A 412 9.81 -6.44 -30.33
C ALA A 412 10.15 -7.14 -31.66
N ILE A 413 10.31 -8.46 -31.63
CA ILE A 413 10.57 -9.20 -32.86
C ILE A 413 9.39 -9.08 -33.82
N ASN A 414 8.16 -9.21 -33.29
CA ASN A 414 6.97 -9.05 -34.13
C ASN A 414 6.91 -7.68 -34.78
N SER A 415 7.43 -6.64 -34.12
CA SER A 415 7.44 -5.30 -34.69
CA SER A 415 7.43 -5.30 -34.71
C SER A 415 8.56 -5.07 -35.70
N GLY A 416 9.42 -6.07 -35.94
CA GLY A 416 10.48 -5.96 -36.92
C GLY A 416 11.89 -5.93 -36.37
N ALA A 417 12.06 -5.77 -35.07
CA ALA A 417 13.41 -5.63 -34.52
C ALA A 417 14.16 -6.95 -34.59
N ASP A 418 15.41 -6.90 -35.03
CA ASP A 418 16.26 -8.08 -35.12
C ASP A 418 16.91 -8.37 -33.78
N VAL A 419 16.26 -9.19 -32.96
CA VAL A 419 16.75 -9.57 -31.62
C VAL A 419 17.00 -11.07 -31.65
N ARG A 420 18.23 -11.47 -31.31
CA ARG A 420 18.67 -12.83 -31.58
C ARG A 420 18.82 -13.70 -30.35
N GLY A 421 18.62 -13.18 -29.15
CA GLY A 421 18.65 -14.04 -27.99
C GLY A 421 18.35 -13.26 -26.74
N TYR A 422 18.06 -14.00 -25.67
CA TYR A 422 17.73 -13.43 -24.37
C TYR A 422 18.62 -14.10 -23.34
N LEU A 423 19.44 -13.29 -22.65
CA LEU A 423 20.38 -13.78 -21.64
C LEU A 423 19.99 -13.22 -20.28
N HIS A 424 19.55 -14.09 -19.39
CA HIS A 424 19.11 -13.68 -18.06
C HIS A 424 20.32 -13.36 -17.18
N TRP A 425 20.20 -12.33 -16.36
CA TRP A 425 21.16 -12.08 -15.29
C TRP A 425 20.56 -12.55 -13.97
N SER A 426 20.97 -13.70 -13.42
CA SER A 426 22.08 -14.55 -13.92
C SER A 426 21.78 -16.01 -13.65
N LEU A 427 22.66 -16.91 -14.08
CA LEU A 427 22.41 -18.33 -13.80
C LEU A 427 22.36 -18.58 -12.30
N ALA A 428 23.34 -18.04 -11.58
CA ALA A 428 23.44 -18.25 -10.14
C ALA A 428 23.70 -16.92 -9.44
N ASP A 429 23.36 -16.86 -8.15
CA ASP A 429 23.69 -15.74 -7.31
C ASP A 429 25.20 -15.42 -7.42
N ASN A 430 25.54 -14.16 -7.20
CA ASN A 430 26.94 -13.77 -7.28
C ASN A 430 27.19 -12.51 -6.45
N TYR A 431 28.45 -12.08 -6.47
CA TYR A 431 28.89 -10.88 -5.71
C TYR A 431 28.45 -9.62 -6.45
N GLU A 432 27.50 -8.90 -5.88
CA GLU A 432 26.88 -7.74 -6.53
C GLU A 432 27.59 -6.44 -6.08
N TRP A 433 28.89 -6.41 -6.36
CA TRP A 433 29.70 -5.18 -6.23
C TRP A 433 29.59 -4.61 -4.81
N ALA A 434 29.24 -3.34 -4.64
CA ALA A 434 29.21 -2.70 -3.31
C ALA A 434 28.13 -3.27 -2.41
N SER A 435 27.12 -3.94 -2.96
CA SER A 435 26.10 -4.59 -2.15
C SER A 435 26.49 -5.97 -1.65
N GLY A 436 27.59 -6.54 -2.16
CA GLY A 436 28.03 -7.82 -1.64
C GLY A 436 27.08 -8.93 -2.10
N PHE A 437 26.92 -9.94 -1.25
CA PHE A 437 26.16 -11.12 -1.62
C PHE A 437 24.67 -11.00 -1.35
N SER A 438 24.21 -9.91 -0.72
CA SER A 438 22.83 -9.89 -0.24
C SER A 438 21.81 -9.77 -1.37
N MET A 439 22.20 -9.24 -2.52
CA MET A 439 21.31 -9.12 -3.68
C MET A 439 21.47 -10.35 -4.57
N ARG A 440 20.43 -11.17 -4.63
CA ARG A 440 20.46 -12.49 -5.24
C ARG A 440 19.68 -12.49 -6.56
N PHE A 441 20.43 -12.51 -7.66
CA PHE A 441 19.86 -12.46 -9.00
C PHE A 441 19.76 -13.83 -9.69
N GLY A 442 20.14 -14.92 -9.03
CA GLY A 442 20.23 -16.20 -9.71
C GLY A 442 18.88 -16.85 -9.98
N LEU A 443 18.80 -17.51 -11.14
CA LEU A 443 17.85 -18.61 -11.29
C LEU A 443 18.14 -19.71 -10.29
N LEU A 444 19.41 -19.89 -9.97
CA LEU A 444 19.91 -20.85 -8.99
C LEU A 444 20.37 -20.10 -7.75
N LYS A 445 19.93 -20.58 -6.60
CA LYS A 445 20.35 -20.04 -5.31
C LYS A 445 21.66 -20.68 -4.90
N VAL A 446 22.61 -19.87 -4.44
CA VAL A 446 23.91 -20.34 -4.00
C VAL A 446 23.95 -20.41 -2.48
N ASP A 447 24.40 -21.54 -1.94
CA ASP A 447 24.78 -21.61 -0.52
C ASP A 447 26.26 -21.28 -0.45
N TYR A 448 26.61 -20.10 0.07
CA TYR A 448 28.01 -19.68 0.00
C TYR A 448 28.92 -20.45 0.96
N ASN A 449 28.35 -21.18 1.93
CA ASN A 449 29.16 -22.04 2.80
C ASN A 449 29.61 -23.30 2.08
N THR A 450 28.73 -23.93 1.31
CA THR A 450 29.03 -25.19 0.65
C THR A 450 29.31 -25.06 -0.82
N LYS A 451 28.94 -23.93 -1.43
CA LYS A 451 28.99 -23.66 -2.86
C LYS A 451 27.97 -24.49 -3.63
N ARG A 452 27.03 -25.13 -2.95
CA ARG A 452 25.98 -25.87 -3.65
C ARG A 452 25.00 -24.90 -4.34
N LEU A 453 24.45 -25.36 -5.47
CA LEU A 453 23.47 -24.63 -6.27
C LEU A 453 22.09 -25.28 -6.15
N TYR A 454 21.05 -24.46 -5.98
CA TYR A 454 19.69 -24.95 -5.83
C TYR A 454 18.80 -24.28 -6.88
N TRP A 455 17.84 -25.04 -7.42
CA TRP A 455 16.95 -24.50 -8.43
C TRP A 455 15.79 -23.76 -7.77
N ARG A 456 15.72 -22.45 -7.96
CA ARG A 456 14.52 -21.70 -7.60
C ARG A 456 13.41 -22.07 -8.59
N PRO A 457 12.15 -21.97 -8.19
CA PRO A 457 11.08 -22.33 -9.16
C PRO A 457 11.19 -21.60 -10.49
N SER A 458 11.69 -20.36 -10.49
CA SER A 458 11.85 -19.66 -11.76
CA SER A 458 11.92 -19.62 -11.74
C SER A 458 12.82 -20.39 -12.69
N ALA A 459 13.75 -21.16 -12.15
CA ALA A 459 14.64 -21.92 -13.03
C ALA A 459 13.85 -23.03 -13.73
N LEU A 460 12.86 -23.59 -13.05
CA LEU A 460 12.00 -24.58 -13.70
C LEU A 460 11.13 -23.92 -14.77
N VAL A 461 10.66 -22.70 -14.50
CA VAL A 461 9.94 -21.93 -15.52
C VAL A 461 10.84 -21.66 -16.72
N TYR A 462 12.10 -21.25 -16.46
CA TYR A 462 12.99 -20.95 -17.57
C TYR A 462 13.27 -22.18 -18.42
N ARG A 463 13.42 -23.34 -17.78
CA ARG A 463 13.60 -24.56 -18.56
C ARG A 463 12.42 -24.80 -19.49
N GLU A 464 11.19 -24.52 -19.02
CA GLU A 464 10.05 -24.67 -19.91
CA GLU A 464 10.03 -24.66 -19.90
C GLU A 464 10.16 -23.75 -21.11
N ILE A 465 10.56 -22.49 -20.90
CA ILE A 465 10.72 -21.55 -22.00
C ILE A 465 11.79 -22.04 -22.96
N ALA A 466 12.97 -22.35 -22.41
CA ALA A 466 14.13 -22.59 -23.27
C ALA A 466 13.98 -23.90 -24.03
N THR A 467 13.49 -24.95 -23.37
CA THR A 467 13.39 -26.25 -24.04
C THR A 467 12.30 -26.24 -25.11
N ASN A 468 11.29 -25.39 -24.99
CA ASN A 468 10.25 -25.26 -26.00
C ASN A 468 10.47 -24.12 -26.98
N GLY A 469 11.47 -23.27 -26.75
CA GLY A 469 11.64 -22.07 -27.56
C GLY A 469 10.40 -21.18 -27.60
N ALA A 470 9.69 -21.07 -26.48
CA ALA A 470 8.41 -20.39 -26.47
C ALA A 470 7.95 -20.19 -25.03
N ILE A 471 7.15 -19.15 -24.83
CA ILE A 471 6.26 -19.08 -23.67
C ILE A 471 5.07 -19.99 -24.00
N THR A 472 5.02 -21.13 -23.34
CA THR A 472 4.01 -22.14 -23.61
C THR A 472 2.67 -21.71 -22.99
N ASP A 473 1.59 -22.32 -23.50
CA ASP A 473 0.27 -21.96 -22.99
C ASP A 473 0.19 -22.09 -21.47
N GLU A 474 0.82 -23.13 -20.92
CA GLU A 474 0.67 -23.43 -19.51
C GLU A 474 1.26 -22.37 -18.58
N ILE A 475 2.19 -21.53 -19.06
CA ILE A 475 2.80 -20.53 -18.19
C ILE A 475 2.49 -19.11 -18.63
N GLU A 476 1.56 -18.93 -19.58
CA GLU A 476 1.24 -17.60 -20.08
CA GLU A 476 1.25 -17.59 -20.08
C GLU A 476 0.68 -16.67 -19.00
N HIS A 477 0.11 -17.22 -17.93
CA HIS A 477 -0.42 -16.35 -16.88
C HIS A 477 0.66 -15.56 -16.17
N LEU A 478 1.92 -15.97 -16.29
CA LEU A 478 3.04 -15.27 -15.66
C LEU A 478 3.43 -14.00 -16.40
N ASN A 479 2.81 -13.75 -17.56
CA ASN A 479 2.99 -12.50 -18.29
C ASN A 479 2.05 -11.47 -17.69
N SER A 480 2.40 -11.04 -16.47
CA SER A 480 1.52 -10.22 -15.66
C SER A 480 2.35 -9.67 -14.51
N VAL A 481 1.77 -8.70 -13.82
CA VAL A 481 2.44 -8.05 -12.68
C VAL A 481 2.29 -8.95 -11.47
N PRO A 482 3.35 -9.19 -10.71
CA PRO A 482 3.20 -9.94 -9.45
C PRO A 482 2.11 -9.33 -8.60
N PRO A 483 1.15 -10.10 -8.11
CA PRO A 483 0.13 -9.51 -7.23
C PRO A 483 0.73 -8.73 -6.07
N VAL A 484 0.27 -7.49 -5.92
CA VAL A 484 0.87 -6.62 -4.93
CA VAL A 484 0.84 -6.58 -4.94
C VAL A 484 0.25 -6.80 -3.54
N LYS A 485 -1.03 -7.15 -3.45
CA LYS A 485 -1.62 -7.25 -2.12
C LYS A 485 -0.86 -8.19 -1.17
N PRO A 486 -0.39 -9.37 -1.57
CA PRO A 486 0.32 -10.24 -0.63
C PRO A 486 1.78 -9.85 -0.34
N LEU A 487 2.34 -8.89 -1.06
CA LEU A 487 3.72 -8.49 -0.89
C LEU A 487 3.82 -7.33 0.10
N ARG A 488 5.03 -7.10 0.60
CA ARG A 488 5.25 -5.97 1.48
C ARG A 488 5.00 -4.66 0.74
N HIS A 489 4.31 -3.76 1.41
CA HIS A 489 4.13 -2.45 0.83
C HIS A 489 3.72 -1.50 1.94
N MET B 1 -9.04 30.50 10.72
CA MET B 1 -9.89 29.68 11.67
C MET B 1 -11.27 29.38 11.06
N TYR B 2 -11.97 28.39 11.62
CA TYR B 2 -13.33 28.05 11.19
C TYR B 2 -14.19 28.19 12.43
N SER B 3 -14.91 29.31 12.51
CA SER B 3 -15.67 29.67 13.71
C SER B 3 -17.11 29.20 13.57
N PHE B 4 -17.67 28.80 14.69
CA PHE B 4 -19.04 28.30 14.73
C PHE B 4 -19.95 29.33 15.37
N PRO B 5 -21.25 29.27 15.10
CA PRO B 5 -22.20 30.19 15.76
C PRO B 5 -22.09 30.11 17.27
N ASN B 6 -22.35 31.25 17.92
CA ASN B 6 -22.19 31.31 19.38
C ASN B 6 -23.12 30.35 20.11
N SER B 7 -24.22 29.95 19.49
CA SER B 7 -25.15 29.00 20.08
C SER B 7 -24.77 27.54 19.83
N PHE B 8 -23.82 27.29 18.93
CA PHE B 8 -23.42 25.94 18.57
C PHE B 8 -22.64 25.29 19.71
N ARG B 9 -22.92 24.03 20.00
CA ARG B 9 -22.32 23.37 21.15
C ARG B 9 -21.53 22.14 20.72
N PHE B 10 -20.32 21.99 21.29
CA PHE B 10 -19.50 20.78 21.14
C PHE B 10 -19.64 19.90 22.37
N GLY B 11 -19.79 18.60 22.16
CA GLY B 11 -19.88 17.71 23.29
C GLY B 11 -19.69 16.25 22.91
N TRP B 12 -20.44 15.36 23.54
CA TRP B 12 -20.24 13.93 23.33
C TRP B 12 -21.55 13.20 23.52
N SER B 13 -21.56 11.97 22.99
CA SER B 13 -22.64 11.00 23.18
C SER B 13 -22.09 9.74 23.84
N GLN B 14 -22.96 9.06 24.61
CA GLN B 14 -22.62 7.74 25.11
C GLN B 14 -23.91 7.00 25.40
N ALA B 15 -23.77 5.71 25.63
CA ALA B 15 -24.89 4.78 25.82
C ALA B 15 -24.81 4.10 27.18
N GLY B 16 -25.97 3.77 27.74
CA GLY B 16 -25.96 3.20 29.08
C GLY B 16 -25.34 1.82 29.14
N PHE B 17 -25.77 0.91 28.26
CA PHE B 17 -25.25 -0.44 28.31
C PHE B 17 -23.75 -0.46 28.06
N GLN B 18 -23.25 0.48 27.25
CA GLN B 18 -21.85 0.45 26.84
C GLN B 18 -20.91 1.06 27.87
N SER B 19 -21.41 1.99 28.71
CA SER B 19 -20.56 2.74 29.63
C SER B 19 -20.92 2.62 31.11
N GLU B 20 -22.15 2.20 31.47
CA GLU B 20 -22.58 2.35 32.86
C GLU B 20 -21.89 1.36 33.79
N MET B 21 -21.82 0.10 33.40
CA MET B 21 -21.35 -0.93 34.31
C MET B 21 -19.83 -0.88 34.47
N GLY B 22 -19.38 -1.45 35.60
CA GLY B 22 -17.99 -1.50 35.98
C GLY B 22 -17.70 -1.07 37.41
N THR B 23 -18.70 -0.51 38.10
CA THR B 23 -18.52 -0.07 39.49
C THR B 23 -19.49 -0.80 40.43
N PRO B 24 -19.26 -0.75 41.74
CA PRO B 24 -20.13 -1.49 42.66
C PRO B 24 -21.59 -1.13 42.49
N GLY B 25 -22.43 -2.17 42.51
CA GLY B 25 -23.87 -2.04 42.42
C GLY B 25 -24.39 -1.62 41.06
N SER B 26 -23.55 -1.63 40.01
CA SER B 26 -23.98 -1.11 38.71
C SER B 26 -24.55 -2.19 37.79
N GLU B 27 -24.35 -3.46 38.09
CA GLU B 27 -24.64 -4.50 37.13
C GLU B 27 -26.14 -4.55 36.85
N ASP B 28 -26.51 -4.60 35.57
CA ASP B 28 -27.90 -4.69 35.11
C ASP B 28 -28.06 -5.98 34.33
N PRO B 29 -28.44 -7.08 34.98
CA PRO B 29 -28.58 -8.36 34.30
C PRO B 29 -29.91 -8.57 33.58
N ASN B 30 -30.77 -7.57 33.53
CA ASN B 30 -32.16 -7.77 33.12
C ASN B 30 -32.45 -7.29 31.70
N THR B 31 -31.51 -7.41 30.75
CA THR B 31 -31.75 -7.04 29.35
C THR B 31 -31.50 -8.22 28.43
N ASP B 32 -32.14 -8.15 27.26
CA ASP B 32 -31.77 -9.06 26.20
C ASP B 32 -30.27 -8.98 25.92
N GLY B 33 -29.72 -7.76 25.94
CA GLY B 33 -28.29 -7.62 25.61
C GLY B 33 -27.38 -8.34 26.57
N TYR B 34 -27.67 -8.21 27.88
CA TYR B 34 -26.87 -8.90 28.89
C TYR B 34 -26.93 -10.40 28.69
N LYS B 35 -28.13 -10.96 28.51
CA LYS B 35 -28.24 -12.39 28.28
C LYS B 35 -27.49 -12.78 27.01
N TRP B 36 -27.62 -11.97 25.98
CA TRP B 36 -27.03 -12.27 24.67
C TRP B 36 -25.51 -12.39 24.76
N VAL B 37 -24.84 -11.42 25.43
CA VAL B 37 -23.38 -11.43 25.44
C VAL B 37 -22.79 -12.41 26.45
N HIS B 38 -23.60 -12.91 27.39
CA HIS B 38 -23.16 -13.98 28.29
C HIS B 38 -23.47 -15.38 27.76
N ASP B 39 -24.12 -15.50 26.62
CA ASP B 39 -24.65 -16.79 26.19
C ASP B 39 -23.51 -17.71 25.75
N PRO B 40 -23.41 -18.91 26.30
CA PRO B 40 -22.29 -19.81 25.94
C PRO B 40 -22.24 -20.15 24.48
N GLU B 41 -23.38 -20.43 23.84
CA GLU B 41 -23.37 -20.78 22.42
C GLU B 41 -22.92 -19.59 21.57
N ASN B 42 -23.40 -18.38 21.89
CA ASN B 42 -22.93 -17.19 21.17
C ASN B 42 -21.43 -17.00 21.31
N MET B 43 -20.88 -17.25 22.50
CA MET B 43 -19.44 -17.13 22.69
C MET B 43 -18.67 -18.16 21.87
N ALA B 44 -19.14 -19.41 21.90
CA ALA B 44 -18.48 -20.48 21.16
C ALA B 44 -18.54 -20.23 19.66
N ALA B 45 -19.62 -19.63 19.17
CA ALA B 45 -19.74 -19.32 17.77
C ALA B 45 -18.90 -18.10 17.37
N GLY B 46 -18.40 -17.35 18.34
CA GLY B 46 -17.73 -16.10 18.01
C GLY B 46 -18.66 -14.99 17.60
N LEU B 47 -19.96 -15.13 17.89
CA LEU B 47 -20.91 -14.06 17.60
C LEU B 47 -20.69 -12.86 18.51
N VAL B 48 -20.27 -13.12 19.75
CA VAL B 48 -19.89 -12.08 20.70
C VAL B 48 -18.45 -12.39 21.13
N SER B 49 -17.80 -11.36 21.66
CA SER B 49 -16.35 -11.43 21.90
C SER B 49 -15.95 -12.27 23.11
N GLY B 50 -16.86 -12.50 24.06
CA GLY B 50 -16.47 -13.02 25.35
C GLY B 50 -16.20 -11.96 26.41
N ASP B 51 -15.94 -10.72 26.01
CA ASP B 51 -15.86 -9.62 26.96
C ASP B 51 -17.25 -9.37 27.54
N LEU B 52 -17.27 -8.89 28.78
CA LEU B 52 -18.55 -8.73 29.48
C LEU B 52 -18.73 -7.29 29.95
N PRO B 53 -19.93 -6.71 29.77
CA PRO B 53 -20.12 -5.29 30.04
C PRO B 53 -19.95 -4.90 31.49
N GLU B 54 -20.12 -5.85 32.44
CA GLU B 54 -19.94 -5.54 33.84
C GLU B 54 -18.48 -5.27 34.19
N ASN B 55 -17.54 -5.50 33.26
CA ASN B 55 -16.16 -5.07 33.44
C ASN B 55 -15.86 -3.74 32.75
N GLY B 56 -16.90 -2.94 32.50
CA GLY B 56 -16.81 -1.72 31.73
C GLY B 56 -16.27 -0.50 32.46
N PRO B 57 -16.50 0.68 31.87
CA PRO B 57 -15.80 1.88 32.35
C PRO B 57 -16.40 2.47 33.61
N GLY B 58 -17.56 1.99 34.04
CA GLY B 58 -18.10 2.37 35.34
C GLY B 58 -18.70 3.77 35.46
N TYR B 59 -19.40 4.24 34.43
CA TYR B 59 -20.01 5.55 34.51
C TYR B 59 -21.07 5.61 35.62
N TRP B 60 -21.70 4.49 35.93
CA TRP B 60 -22.74 4.50 36.98
C TRP B 60 -22.20 5.07 38.28
N GLY B 61 -20.98 4.65 38.65
CA GLY B 61 -20.35 5.13 39.87
C GLY B 61 -19.35 6.25 39.70
N ASN B 62 -18.74 6.36 38.51
CA ASN B 62 -17.64 7.31 38.29
C ASN B 62 -18.05 8.53 37.46
N TYR B 63 -19.36 8.76 37.31
CA TYR B 63 -19.87 9.82 36.46
C TYR B 63 -19.29 11.20 36.80
N LYS B 64 -18.99 11.47 38.08
CA LYS B 64 -18.46 12.80 38.40
C LYS B 64 -17.11 13.03 37.73
N THR B 65 -16.31 11.97 37.62
CA THR B 65 -15.00 12.07 36.97
C THR B 65 -15.15 12.25 35.47
N PHE B 66 -16.05 11.47 34.83
CA PHE B 66 -16.38 11.73 33.43
C PHE B 66 -16.75 13.20 33.25
N HIS B 67 -17.68 13.70 34.07
CA HIS B 67 -18.15 15.06 33.90
C HIS B 67 -17.04 16.07 34.20
N ASP B 68 -16.17 15.77 35.16
CA ASP B 68 -15.04 16.68 35.44
C ASP B 68 -14.17 16.81 34.20
N ASN B 69 -13.89 15.69 33.54
CA ASN B 69 -13.03 15.74 32.35
C ASN B 69 -13.73 16.44 31.19
N ALA B 70 -15.03 16.18 31.01
CA ALA B 70 -15.79 16.89 29.98
C ALA B 70 -15.77 18.39 30.21
N GLN B 71 -15.91 18.82 31.47
CA GLN B 71 -15.94 20.25 31.76
C GLN B 71 -14.58 20.89 31.52
N LYS B 72 -13.49 20.22 31.93
CA LYS B 72 -12.16 20.73 31.62
C LYS B 72 -11.90 20.76 30.12
N MET B 73 -12.55 19.88 29.36
CA MET B 73 -12.42 19.85 27.90
C MET B 73 -13.22 20.96 27.23
N GLY B 74 -14.03 21.71 27.98
CA GLY B 74 -14.84 22.74 27.39
C GLY B 74 -16.13 22.29 26.75
N LEU B 75 -16.58 21.08 27.03
CA LEU B 75 -17.76 20.56 26.36
C LEU B 75 -19.01 21.20 26.96
N LYS B 76 -20.01 21.39 26.10
CA LYS B 76 -21.21 22.12 26.47
C LYS B 76 -22.50 21.37 26.21
N ILE B 77 -22.44 20.14 25.73
CA ILE B 77 -23.65 19.37 25.44
C ILE B 77 -23.32 17.90 25.62
N ALA B 78 -24.32 17.13 26.06
CA ALA B 78 -24.15 15.69 26.19
C ALA B 78 -25.45 15.01 25.80
N ARG B 79 -25.31 13.88 25.12
CA ARG B 79 -26.45 13.01 24.82
C ARG B 79 -26.20 11.68 25.51
N LEU B 80 -27.16 11.26 26.35
CA LEU B 80 -27.10 10.04 27.15
C LEU B 80 -28.48 9.39 27.06
N ASN B 81 -28.59 8.12 27.46
CA ASN B 81 -29.90 7.46 27.55
C ASN B 81 -30.12 6.89 28.95
N VAL B 82 -31.41 6.72 29.28
CA VAL B 82 -31.81 5.88 30.40
CA VAL B 82 -31.83 5.89 30.40
C VAL B 82 -32.03 4.47 29.89
N GLU B 83 -31.62 3.48 30.68
CA GLU B 83 -31.84 2.09 30.33
C GLU B 83 -33.22 1.68 30.88
N TRP B 84 -34.16 1.42 29.97
CA TRP B 84 -35.51 0.94 30.31
C TRP B 84 -35.47 -0.17 31.37
N SER B 85 -34.58 -1.12 31.16
CA SER B 85 -34.46 -2.27 32.05
CA SER B 85 -34.45 -2.27 32.05
C SER B 85 -34.14 -1.90 33.50
N ARG B 86 -33.44 -0.78 33.72
CA ARG B 86 -33.13 -0.37 35.09
C ARG B 86 -34.37 0.19 35.78
N ILE B 87 -35.25 0.85 35.00
CA ILE B 87 -36.41 1.51 35.60
C ILE B 87 -37.54 0.51 35.79
N PHE B 88 -37.71 -0.43 34.85
CA PHE B 88 -38.78 -1.45 34.92
C PHE B 88 -38.17 -2.83 34.76
N PRO B 89 -37.49 -3.32 35.78
CA PRO B 89 -36.83 -4.62 35.64
C PRO B 89 -37.79 -5.78 35.62
N ASN B 90 -38.99 -5.58 36.12
CA ASN B 90 -39.94 -6.64 36.37
C ASN B 90 -41.08 -6.56 35.38
N PRO B 91 -41.66 -7.70 35.01
CA PRO B 91 -42.74 -7.67 34.02
C PRO B 91 -43.92 -6.88 34.53
N LEU B 92 -44.52 -6.10 33.61
CA LEU B 92 -45.77 -5.42 33.84
C LEU B 92 -46.93 -6.31 33.38
N PRO B 93 -48.09 -6.22 34.03
CA PRO B 93 -49.25 -7.01 33.59
C PRO B 93 -49.63 -6.71 32.15
N ARG B 94 -49.98 -7.77 31.42
CA ARG B 94 -50.50 -7.58 30.07
C ARG B 94 -51.65 -6.60 30.11
N PRO B 95 -51.71 -5.63 29.18
CA PRO B 95 -52.74 -4.60 29.28
C PRO B 95 -54.10 -5.10 28.83
N GLN B 96 -55.12 -4.87 29.65
CA GLN B 96 -56.48 -5.19 29.25
C GLN B 96 -56.96 -4.16 28.22
N ASN B 97 -57.87 -4.60 27.35
CA ASN B 97 -58.37 -3.75 26.28
C ASN B 97 -57.28 -3.46 25.26
N PHE B 98 -56.41 -4.43 25.01
CA PHE B 98 -55.35 -4.29 24.02
C PHE B 98 -55.28 -5.58 23.21
N ASP B 99 -55.40 -5.43 21.90
CA ASP B 99 -55.50 -6.55 20.95
C ASP B 99 -54.12 -6.74 20.31
N GLU B 100 -53.38 -7.73 20.80
CA GLU B 100 -52.03 -7.96 20.32
C GLU B 100 -51.98 -8.38 18.85
N SER B 101 -53.12 -8.76 18.28
CA SER B 101 -53.19 -9.17 16.88
C SER B 101 -53.42 -8.02 15.93
N LYS B 102 -53.75 -6.84 16.45
CA LYS B 102 -53.90 -5.67 15.60
C LYS B 102 -52.53 -5.16 15.14
N GLN B 103 -52.40 -4.94 13.84
CA GLN B 103 -51.11 -4.62 13.22
C GLN B 103 -50.67 -3.19 13.50
N ASP B 104 -51.61 -2.24 13.50
CA ASP B 104 -51.30 -0.83 13.66
C ASP B 104 -51.61 -0.40 15.09
N VAL B 105 -50.69 0.35 15.67
CA VAL B 105 -50.84 0.99 16.96
C VAL B 105 -50.93 2.48 16.65
N THR B 106 -52.15 3.02 16.59
CA THR B 106 -52.36 4.39 16.17
C THR B 106 -52.51 5.36 17.32
N GLU B 107 -52.67 4.86 18.54
CA GLU B 107 -52.75 5.72 19.71
C GLU B 107 -52.37 4.90 20.92
N VAL B 108 -51.67 5.51 21.85
CA VAL B 108 -51.40 4.93 23.16
C VAL B 108 -51.73 6.02 24.17
N GLU B 109 -52.81 5.84 24.91
CA GLU B 109 -53.34 6.94 25.70
C GLU B 109 -52.47 7.18 26.93
N ILE B 110 -52.12 8.44 27.17
CA ILE B 110 -51.36 8.85 28.34
C ILE B 110 -52.24 9.77 29.18
N ASN B 111 -52.29 9.52 30.49
CA ASN B 111 -52.90 10.47 31.42
C ASN B 111 -52.29 10.30 32.80
N GLU B 112 -52.65 11.24 33.68
CA GLU B 112 -52.01 11.32 35.00
C GLU B 112 -52.18 10.04 35.79
N ASN B 113 -53.38 9.45 35.80
CA ASN B 113 -53.57 8.27 36.62
C ASN B 113 -52.78 7.08 36.08
N GLU B 114 -52.69 6.96 34.76
CA GLU B 114 -51.86 5.91 34.17
C GLU B 114 -50.40 6.08 34.60
N LEU B 115 -49.90 7.31 34.55
CA LEU B 115 -48.52 7.59 34.96
C LEU B 115 -48.30 7.26 36.43
N LYS B 116 -49.27 7.58 37.30
CA LYS B 116 -49.10 7.24 38.70
C LYS B 116 -49.12 5.73 38.92
N ARG B 117 -49.94 5.01 38.17
CA ARG B 117 -49.95 3.56 38.33
C ARG B 117 -48.64 2.96 37.85
N LEU B 118 -48.15 3.44 36.71
CA LEU B 118 -46.84 3.00 36.24
C LEU B 118 -45.77 3.30 37.27
N ASP B 119 -45.86 4.47 37.91
CA ASP B 119 -44.88 4.85 38.91
C ASP B 119 -44.75 3.81 40.02
N GLU B 120 -45.83 3.09 40.34
CA GLU B 120 -45.75 2.09 41.41
C GLU B 120 -44.86 0.92 41.04
N TYR B 121 -44.68 0.65 39.76
CA TYR B 121 -43.84 -0.46 39.31
C TYR B 121 -42.39 -0.07 39.12
N ALA B 122 -42.06 1.21 39.12
CA ALA B 122 -40.71 1.67 38.77
C ALA B 122 -39.71 1.42 39.89
N ASN B 123 -38.46 1.20 39.52
CA ASN B 123 -37.36 1.03 40.46
C ASN B 123 -36.91 2.41 40.91
N LYS B 124 -37.23 2.77 42.16
CA LYS B 124 -36.94 4.13 42.61
C LYS B 124 -35.45 4.35 42.85
N ASP B 125 -34.71 3.30 43.22
CA ASP B 125 -33.27 3.46 43.40
C ASP B 125 -32.61 3.86 42.07
N ALA B 126 -32.99 3.19 40.98
CA ALA B 126 -32.43 3.54 39.67
C ALA B 126 -32.85 4.95 39.25
N LEU B 127 -34.13 5.29 39.45
CA LEU B 127 -34.60 6.61 39.04
C LEU B 127 -33.85 7.69 39.79
N ASN B 128 -33.68 7.50 41.10
CA ASN B 128 -32.98 8.48 41.92
C ASN B 128 -31.52 8.61 41.49
N HIS B 129 -30.92 7.49 41.12
CA HIS B 129 -29.52 7.53 40.71
C HIS B 129 -29.36 8.27 39.40
N TYR B 130 -30.24 8.01 38.41
CA TYR B 130 -30.23 8.81 37.18
C TYR B 130 -30.44 10.28 37.45
N ARG B 131 -31.35 10.64 38.37
CA ARG B 131 -31.52 12.05 38.69
C ARG B 131 -30.23 12.67 39.22
N GLU B 132 -29.51 11.95 40.07
CA GLU B 132 -28.24 12.47 40.57
C GLU B 132 -27.22 12.64 39.45
N ILE B 133 -27.15 11.67 38.54
CA ILE B 133 -26.19 11.78 37.43
C ILE B 133 -26.53 13.00 36.59
N PHE B 134 -27.80 13.13 36.24
CA PHE B 134 -28.22 14.21 35.35
C PHE B 134 -28.15 15.57 36.03
N LYS B 135 -28.42 15.66 37.33
CA LYS B 135 -28.23 16.91 38.04
C LYS B 135 -26.76 17.32 38.04
N ASP B 136 -25.86 16.36 38.26
CA ASP B 136 -24.44 16.68 38.21
C ASP B 136 -24.05 17.19 36.83
N LEU B 137 -24.56 16.56 35.78
CA LEU B 137 -24.33 17.01 34.42
C LEU B 137 -24.81 18.44 34.22
N LYS B 138 -26.05 18.73 34.62
CA LYS B 138 -26.59 20.07 34.40
C LYS B 138 -25.83 21.11 35.21
N SER B 139 -25.28 20.73 36.37
CA SER B 139 -24.52 21.68 37.17
C SER B 139 -23.20 22.09 36.52
N ARG B 140 -22.72 21.35 35.52
CA ARG B 140 -21.54 21.78 34.78
C ARG B 140 -21.89 22.75 33.65
N GLY B 141 -23.15 23.12 33.48
CA GLY B 141 -23.54 23.93 32.34
C GLY B 141 -23.69 23.17 31.04
N LEU B 142 -23.83 21.86 31.09
CA LEU B 142 -24.02 21.03 29.90
C LEU B 142 -25.50 21.01 29.52
N TYR B 143 -25.78 21.44 28.30
CA TYR B 143 -27.04 21.15 27.63
C TYR B 143 -27.23 19.64 27.50
N PHE B 144 -28.47 19.16 27.72
CA PHE B 144 -28.72 17.74 27.94
C PHE B 144 -29.76 17.24 26.93
N ILE B 145 -29.34 16.33 26.04
CA ILE B 145 -30.25 15.58 25.18
C ILE B 145 -30.45 14.21 25.81
N LEU B 146 -31.69 13.90 26.20
CA LEU B 146 -32.01 12.60 26.80
C LEU B 146 -32.62 11.69 25.75
N ASN B 147 -32.00 10.53 25.53
CA ASN B 147 -32.45 9.55 24.56
C ASN B 147 -33.10 8.41 25.33
N MET B 148 -34.23 7.90 24.83
CA MET B 148 -35.00 6.92 25.58
C MET B 148 -34.53 5.49 25.37
N TYR B 149 -33.92 5.18 24.23
CA TYR B 149 -33.68 3.80 23.86
C TYR B 149 -32.38 3.71 23.06
N HIS B 150 -31.46 2.87 23.51
CA HIS B 150 -30.20 2.62 22.78
C HIS B 150 -29.85 1.12 22.73
N TRP B 151 -30.87 0.30 22.41
CA TRP B 151 -30.85 -1.08 21.89
C TRP B 151 -31.29 -2.13 22.90
N PRO B 152 -30.72 -2.24 24.11
CA PRO B 152 -31.20 -3.32 25.00
C PRO B 152 -32.64 -3.09 25.42
N LEU B 153 -33.39 -4.16 25.42
CA LEU B 153 -34.76 -4.19 25.91
C LEU B 153 -34.81 -4.93 27.23
N PRO B 154 -35.76 -4.60 28.11
CA PRO B 154 -36.00 -5.47 29.26
C PRO B 154 -36.23 -6.91 28.81
N LEU B 155 -35.63 -7.82 29.55
CA LEU B 155 -35.73 -9.24 29.23
C LEU B 155 -37.17 -9.70 29.24
N TRP B 156 -38.03 -9.08 30.06
CA TRP B 156 -39.43 -9.49 30.07
C TRP B 156 -40.16 -9.10 28.79
N LEU B 157 -39.57 -8.25 27.94
CA LEU B 157 -40.09 -7.94 26.61
C LEU B 157 -39.36 -8.70 25.49
N HIS B 158 -38.17 -9.25 25.74
CA HIS B 158 -37.41 -9.90 24.66
C HIS B 158 -36.45 -10.93 25.25
N ASP B 159 -36.73 -12.21 25.00
CA ASP B 159 -35.76 -13.27 25.26
C ASP B 159 -35.07 -13.58 23.93
N PRO B 160 -33.86 -13.06 23.71
CA PRO B 160 -33.26 -13.19 22.36
C PRO B 160 -32.74 -14.58 22.04
N ILE B 161 -32.44 -15.40 23.05
CA ILE B 161 -31.93 -16.74 22.77
C ILE B 161 -33.06 -17.64 22.27
N ARG B 162 -34.25 -17.46 22.85
CA ARG B 162 -35.43 -18.19 22.38
C ARG B 162 -35.74 -17.85 20.92
N VAL B 163 -35.70 -16.56 20.57
CA VAL B 163 -35.92 -16.15 19.19
C VAL B 163 -34.80 -16.65 18.27
N ARG B 164 -33.54 -16.57 18.73
CA ARG B 164 -32.43 -17.09 17.92
C ARG B 164 -32.69 -18.52 17.51
N ARG B 165 -33.24 -19.31 18.43
CA ARG B 165 -33.53 -20.72 18.22
C ARG B 165 -34.77 -20.96 17.37
N GLY B 166 -35.48 -19.91 16.99
CA GLY B 166 -36.64 -20.05 16.13
C GLY B 166 -37.93 -20.29 16.88
N ASP B 167 -37.95 -20.05 18.18
CA ASP B 167 -39.15 -20.18 19.01
C ASP B 167 -39.74 -18.80 19.20
N PHE B 168 -40.93 -18.59 18.62
CA PHE B 168 -41.59 -17.30 18.68
C PHE B 168 -42.76 -17.25 19.63
N THR B 169 -42.81 -18.17 20.61
CA THR B 169 -43.89 -18.23 21.58
C THR B 169 -43.63 -17.41 22.83
N GLY B 170 -42.46 -16.77 22.94
CA GLY B 170 -42.14 -15.97 24.10
C GLY B 170 -42.03 -14.50 23.78
N PRO B 171 -41.46 -13.73 24.70
CA PRO B 171 -41.29 -12.28 24.48
C PRO B 171 -40.37 -12.05 23.29
N SER B 172 -40.89 -11.38 22.26
CA SER B 172 -40.22 -11.35 20.96
CA SER B 172 -40.30 -11.34 20.93
C SER B 172 -39.78 -9.96 20.54
N GLY B 173 -39.64 -9.05 21.49
CA GLY B 173 -39.05 -7.73 21.22
C GLY B 173 -39.85 -6.91 20.22
N TRP B 174 -39.16 -6.35 19.23
CA TRP B 174 -39.81 -5.48 18.26
C TRP B 174 -40.73 -6.25 17.31
N LEU B 175 -40.76 -7.57 17.39
CA LEU B 175 -41.73 -8.30 16.60
C LEU B 175 -43.12 -8.22 17.20
N SER B 176 -43.26 -7.65 18.40
CA SER B 176 -44.54 -7.62 19.11
C SER B 176 -45.02 -6.18 19.31
N THR B 177 -46.30 -5.94 18.99
CA THR B 177 -46.88 -4.64 19.34
C THR B 177 -46.98 -4.41 20.83
N ARG B 178 -46.84 -5.43 21.68
CA ARG B 178 -46.77 -5.16 23.12
C ARG B 178 -45.57 -4.26 23.43
N THR B 179 -44.44 -4.50 22.76
CA THR B 179 -43.26 -3.67 22.97
C THR B 179 -43.51 -2.24 22.53
N VAL B 180 -44.26 -2.06 21.45
CA VAL B 180 -44.62 -0.73 20.98
C VAL B 180 -45.42 0.01 22.04
N TYR B 181 -46.44 -0.66 22.56
CA TYR B 181 -47.31 -0.08 23.58
C TYR B 181 -46.53 0.31 24.82
N GLU B 182 -45.69 -0.59 25.33
CA GLU B 182 -44.97 -0.30 26.57
C GLU B 182 -43.87 0.74 26.37
N PHE B 183 -43.31 0.82 25.16
CA PHE B 183 -42.27 1.83 24.92
C PHE B 183 -42.86 3.23 24.91
N ALA B 184 -44.05 3.40 24.32
CA ALA B 184 -44.69 4.71 24.33
C ALA B 184 -44.96 5.15 25.76
N ARG B 185 -45.44 4.24 26.60
CA ARG B 185 -45.70 4.54 28.01
C ARG B 185 -44.41 4.81 28.77
N PHE B 186 -43.35 4.03 28.49
CA PHE B 186 -42.07 4.25 29.15
C PHE B 186 -41.54 5.63 28.83
N SER B 187 -41.60 6.03 27.54
CA SER B 187 -41.06 7.33 27.16
CA SER B 187 -41.07 7.33 27.15
C SER B 187 -41.84 8.47 27.80
N ALA B 188 -43.18 8.38 27.79
CA ALA B 188 -43.99 9.38 28.49
C ALA B 188 -43.61 9.48 29.95
N TYR B 189 -43.42 8.34 30.59
CA TYR B 189 -43.09 8.30 32.01
C TYR B 189 -41.76 8.97 32.29
N ILE B 190 -40.75 8.65 31.49
CA ILE B 190 -39.44 9.27 31.73
C ILE B 190 -39.50 10.78 31.55
N ALA B 191 -40.18 11.26 30.50
CA ALA B 191 -40.30 12.71 30.34
C ALA B 191 -41.05 13.32 31.52
N TRP B 192 -42.07 12.63 32.01
CA TRP B 192 -42.82 13.10 33.18
C TRP B 192 -41.89 13.26 34.39
N LYS B 193 -40.98 12.31 34.59
CA LYS B 193 -40.11 12.34 35.76
C LYS B 193 -38.91 13.27 35.60
N PHE B 194 -38.41 13.50 34.38
CA PHE B 194 -37.14 14.19 34.20
C PHE B 194 -37.23 15.50 33.40
N ASP B 195 -38.43 15.98 33.06
CA ASP B 195 -38.53 17.11 32.15
C ASP B 195 -37.82 18.34 32.69
N ASP B 196 -37.68 18.45 34.01
CA ASP B 196 -37.04 19.63 34.59
C ASP B 196 -35.54 19.67 34.31
N LEU B 197 -34.94 18.55 33.94
CA LEU B 197 -33.49 18.44 33.70
C LEU B 197 -33.12 18.37 32.23
N VAL B 198 -34.04 17.90 31.39
CA VAL B 198 -33.79 17.64 29.97
C VAL B 198 -33.98 18.92 29.17
N ASP B 199 -33.11 19.13 28.18
CA ASP B 199 -33.33 20.22 27.23
C ASP B 199 -34.00 19.78 25.95
N GLU B 200 -33.58 18.64 25.38
CA GLU B 200 -34.23 18.06 24.21
C GLU B 200 -34.28 16.55 24.38
N TYR B 201 -35.25 15.93 23.71
CA TYR B 201 -35.43 14.49 23.74
C TYR B 201 -35.12 13.85 22.40
N SER B 202 -34.65 12.59 22.48
CA SER B 202 -34.65 11.67 21.36
C SER B 202 -35.40 10.41 21.77
N THR B 203 -36.19 9.86 20.85
CA THR B 203 -36.88 8.63 21.21
C THR B 203 -35.94 7.43 21.17
N MET B 204 -35.10 7.34 20.15
CA MET B 204 -34.30 6.14 20.02
C MET B 204 -33.04 6.45 19.23
N ASN B 205 -32.10 5.53 19.32
CA ASN B 205 -30.80 5.60 18.65
C ASN B 205 -30.69 4.48 17.63
N GLU B 206 -30.48 4.84 16.37
CA GLU B 206 -30.19 3.89 15.29
C GLU B 206 -31.21 2.76 15.21
N PRO B 207 -32.49 3.07 15.07
CA PRO B 207 -33.49 2.01 14.89
C PRO B 207 -33.26 1.14 13.67
N ASN B 208 -32.66 1.69 12.59
CA ASN B 208 -32.37 0.91 11.40
C ASN B 208 -31.37 -0.19 11.67
N VAL B 209 -30.49 -0.01 12.66
CA VAL B 209 -29.53 -1.04 13.01
C VAL B 209 -30.21 -2.18 13.74
N VAL B 210 -31.16 -1.86 14.61
CA VAL B 210 -31.91 -2.88 15.32
C VAL B 210 -32.55 -3.84 14.33
N GLY B 211 -33.30 -3.30 13.37
CA GLY B 211 -33.92 -4.15 12.38
C GLY B 211 -32.95 -4.78 11.40
N GLY B 212 -31.94 -4.00 10.97
CA GLY B 212 -31.06 -4.45 9.91
C GLY B 212 -30.07 -5.49 10.37
N LEU B 213 -29.40 -5.25 11.51
CA LEU B 213 -28.42 -6.21 12.00
C LEU B 213 -29.08 -7.34 12.79
N GLY B 214 -30.17 -7.06 13.48
CA GLY B 214 -30.82 -8.09 14.29
C GLY B 214 -31.37 -9.25 13.47
N TYR B 215 -31.86 -8.96 12.26
CA TYR B 215 -32.58 -9.95 11.46
C TYR B 215 -32.06 -10.13 10.03
N VAL B 216 -31.01 -9.42 9.62
CA VAL B 216 -30.42 -9.67 8.30
C VAL B 216 -28.91 -9.82 8.45
N GLY B 217 -28.25 -8.78 8.97
CA GLY B 217 -26.82 -8.85 9.17
C GLY B 217 -26.40 -9.69 10.36
N VAL B 218 -26.79 -10.96 10.37
CA VAL B 218 -26.71 -11.77 11.58
C VAL B 218 -25.30 -12.17 11.98
N LYS B 219 -24.30 -12.07 11.08
CA LYS B 219 -22.93 -12.31 11.52
C LYS B 219 -22.42 -11.23 12.46
N SER B 220 -23.11 -10.09 12.55
CA SER B 220 -22.67 -8.98 13.38
C SER B 220 -22.78 -9.27 14.87
N GLY B 221 -23.53 -10.30 15.27
CA GLY B 221 -23.77 -10.54 16.69
C GLY B 221 -24.78 -9.63 17.37
N PHE B 222 -25.69 -9.01 16.61
CA PHE B 222 -26.74 -8.19 17.18
C PHE B 222 -27.95 -9.07 17.49
N PRO B 223 -28.51 -9.02 18.72
CA PRO B 223 -29.67 -9.87 19.01
C PRO B 223 -30.90 -9.53 18.16
N PRO B 224 -31.73 -10.54 17.84
CA PRO B 224 -31.68 -11.93 18.27
C PRO B 224 -30.96 -12.85 17.27
N GLY B 225 -30.36 -12.27 16.23
CA GLY B 225 -29.62 -13.05 15.25
C GLY B 225 -30.45 -14.08 14.51
N TYR B 226 -31.69 -13.72 14.14
CA TYR B 226 -32.62 -14.59 13.44
C TYR B 226 -32.77 -14.05 12.03
N LEU B 227 -32.27 -14.78 11.05
CA LEU B 227 -32.17 -14.32 9.66
C LEU B 227 -33.51 -14.43 8.98
N SER B 228 -34.09 -13.28 8.67
CA SER B 228 -35.42 -13.21 8.05
C SER B 228 -35.71 -11.81 7.51
N PHE B 229 -35.78 -11.70 6.18
CA PHE B 229 -36.24 -10.45 5.57
C PHE B 229 -37.60 -10.03 6.12
N GLU B 230 -38.51 -10.99 6.23
CA GLU B 230 -39.89 -10.70 6.64
C GLU B 230 -39.93 -10.12 8.04
N LEU B 231 -39.21 -10.74 8.99
CA LEU B 231 -39.24 -10.25 10.36
C LEU B 231 -38.46 -8.95 10.51
N SER B 232 -37.40 -8.76 9.72
CA SER B 232 -36.75 -7.46 9.71
CA SER B 232 -36.76 -7.46 9.75
C SER B 232 -37.74 -6.36 9.37
N ARG B 233 -38.59 -6.60 8.35
CA ARG B 233 -39.60 -5.63 7.97
C ARG B 233 -40.61 -5.41 9.09
N ARG B 234 -41.07 -6.49 9.72
CA ARG B 234 -42.01 -6.36 10.84
C ARG B 234 -41.38 -5.58 11.99
N ALA B 235 -40.12 -5.86 12.32
CA ALA B 235 -39.45 -5.12 13.40
C ALA B 235 -39.39 -3.63 13.07
N MET B 236 -39.08 -3.29 11.82
CA MET B 236 -38.92 -1.87 11.47
C MET B 236 -40.27 -1.17 11.45
N TYR B 237 -41.31 -1.87 11.00
CA TYR B 237 -42.66 -1.32 11.05
C TYR B 237 -43.06 -1.00 12.48
N ASN B 238 -42.83 -1.92 13.40
CA ASN B 238 -43.18 -1.67 14.80
C ASN B 238 -42.30 -0.58 15.40
N ILE B 239 -41.02 -0.53 15.03
CA ILE B 239 -40.15 0.52 15.56
C ILE B 239 -40.63 1.89 15.11
N ILE B 240 -41.09 2.00 13.87
CA ILE B 240 -41.59 3.28 13.37
C ILE B 240 -42.81 3.73 14.18
N GLN B 241 -43.78 2.85 14.38
CA GLN B 241 -44.96 3.29 15.12
C GLN B 241 -44.63 3.48 16.61
N ALA B 242 -43.67 2.73 17.13
CA ALA B 242 -43.20 3.01 18.48
C ALA B 242 -42.60 4.40 18.58
N HIS B 243 -41.84 4.83 17.57
CA HIS B 243 -41.34 6.19 17.60
C HIS B 243 -42.48 7.20 17.66
N ALA B 244 -43.48 7.04 16.77
CA ALA B 244 -44.58 8.00 16.71
C ALA B 244 -45.39 8.01 18.00
N ARG B 245 -45.65 6.85 18.60
CA ARG B 245 -46.40 6.80 19.86
C ARG B 245 -45.58 7.35 21.02
N ALA B 246 -44.26 7.18 20.99
CA ALA B 246 -43.42 7.78 22.02
C ALA B 246 -43.34 9.29 21.86
N TYR B 247 -43.29 9.78 20.62
CA TYR B 247 -43.35 11.23 20.39
C TYR B 247 -44.62 11.81 20.97
N ASP B 248 -45.77 11.24 20.61
CA ASP B 248 -47.04 11.73 21.16
C ASP B 248 -47.06 11.62 22.68
N GLY B 249 -46.49 10.53 23.21
CA GLY B 249 -46.45 10.35 24.66
C GLY B 249 -45.66 11.43 25.36
N ILE B 250 -44.44 11.70 24.88
CA ILE B 250 -43.64 12.76 25.47
C ILE B 250 -44.37 14.11 25.38
N LYS B 251 -44.97 14.39 24.23
CA LYS B 251 -45.62 15.68 24.01
C LYS B 251 -46.86 15.82 24.89
N SER B 252 -47.37 14.72 25.42
CA SER B 252 -48.49 14.80 26.36
C SER B 252 -48.05 15.35 27.72
N VAL B 253 -46.76 15.31 28.03
CA VAL B 253 -46.25 15.82 29.30
C VAL B 253 -45.18 16.89 29.14
N SER B 254 -44.72 17.18 27.93
CA SER B 254 -43.62 18.11 27.75
C SER B 254 -43.84 18.94 26.51
N LYS B 255 -43.30 20.17 26.53
CA LYS B 255 -43.28 21.05 25.37
C LYS B 255 -41.95 21.01 24.63
N LYS B 256 -40.99 20.23 25.11
CA LYS B 256 -39.64 20.30 24.58
C LYS B 256 -39.48 19.52 23.29
N PRO B 257 -38.42 19.81 22.52
CA PRO B 257 -38.26 19.17 21.21
C PRO B 257 -38.02 17.67 21.34
N VAL B 258 -38.60 16.93 20.40
CA VAL B 258 -38.49 15.47 20.36
C VAL B 258 -37.98 15.09 18.97
N GLY B 259 -36.85 14.42 18.93
CA GLY B 259 -36.28 13.99 17.66
C GLY B 259 -35.95 12.51 17.67
N ILE B 260 -35.06 12.11 16.76
CA ILE B 260 -34.62 10.72 16.66
C ILE B 260 -33.19 10.74 16.15
N ILE B 261 -32.44 9.69 16.48
CA ILE B 261 -31.03 9.53 16.12
C ILE B 261 -30.91 8.32 15.20
N TYR B 262 -30.19 8.46 14.08
CA TYR B 262 -30.21 7.47 13.02
C TYR B 262 -28.79 7.15 12.57
N ALA B 263 -28.59 5.90 12.12
CA ALA B 263 -27.30 5.45 11.60
C ALA B 263 -27.21 5.79 10.12
N ASN B 264 -26.34 6.73 9.78
CA ASN B 264 -26.20 7.22 8.42
C ASN B 264 -24.89 6.79 7.77
N SER B 265 -24.94 6.65 6.46
CA SER B 265 -23.76 6.57 5.64
C SER B 265 -23.90 7.53 4.47
N SER B 266 -22.79 7.93 3.89
CA SER B 266 -22.80 8.73 2.67
C SER B 266 -22.65 7.79 1.50
N PHE B 267 -23.68 7.70 0.64
CA PHE B 267 -23.64 6.77 -0.47
C PHE B 267 -22.99 7.46 -1.65
N GLN B 268 -21.94 6.83 -2.18
CA GLN B 268 -21.06 7.41 -3.16
C GLN B 268 -20.96 6.50 -4.38
N PRO B 269 -20.93 7.07 -5.58
CA PRO B 269 -20.91 6.24 -6.79
C PRO B 269 -19.53 5.69 -7.09
N LEU B 270 -19.48 4.42 -7.48
CA LEU B 270 -18.21 3.85 -7.92
C LEU B 270 -17.68 4.58 -9.15
N THR B 271 -18.53 4.78 -10.16
CA THR B 271 -18.19 5.52 -11.37
C THR B 271 -19.25 6.58 -11.64
N ASP B 272 -19.00 7.40 -12.65
CA ASP B 272 -19.99 8.43 -12.95
C ASP B 272 -21.24 7.86 -13.61
N LYS B 273 -21.29 6.57 -13.93
CA LYS B 273 -22.53 5.93 -14.39
C LYS B 273 -23.41 5.43 -13.24
N ASP B 274 -23.05 5.72 -11.99
CA ASP B 274 -23.68 5.07 -10.83
C ASP B 274 -24.49 6.02 -9.97
N MET B 275 -24.87 7.18 -10.50
CA MET B 275 -25.62 8.13 -9.67
C MET B 275 -27.05 7.64 -9.39
N GLU B 276 -27.65 6.86 -10.29
CA GLU B 276 -28.96 6.31 -9.97
C GLU B 276 -28.85 5.28 -8.84
N ALA B 277 -27.74 4.55 -8.78
CA ALA B 277 -27.54 3.64 -7.66
C ALA B 277 -27.48 4.37 -6.34
N VAL B 278 -26.87 5.56 -6.32
CA VAL B 278 -26.80 6.36 -5.10
C VAL B 278 -28.20 6.74 -4.65
N GLU B 279 -29.02 7.21 -5.58
CA GLU B 279 -30.39 7.57 -5.23
C GLU B 279 -31.17 6.39 -4.69
N MET B 280 -31.03 5.22 -5.32
CA MET B 280 -31.73 4.03 -4.84
C MET B 280 -31.29 3.67 -3.43
N ALA B 281 -29.98 3.72 -3.17
CA ALA B 281 -29.47 3.39 -1.84
C ALA B 281 -29.97 4.39 -0.80
N GLU B 282 -30.04 5.68 -1.14
CA GLU B 282 -30.56 6.67 -0.21
C GLU B 282 -32.04 6.44 0.10
N ASN B 283 -32.84 6.09 -0.92
CA ASN B 283 -34.23 5.72 -0.67
C ASN B 283 -34.31 4.50 0.25
N ASP B 284 -33.52 3.46 -0.05
CA ASP B 284 -33.67 2.19 0.65
C ASP B 284 -33.09 2.21 2.05
N ASN B 285 -32.17 3.14 2.36
CA ASN B 285 -31.55 3.16 3.68
C ASN B 285 -31.94 4.35 4.53
N ARG B 286 -32.48 5.41 3.93
CA ARG B 286 -32.72 6.66 4.65
C ARG B 286 -34.14 7.19 4.45
N TRP B 287 -34.50 7.49 3.19
CA TRP B 287 -35.72 8.27 2.98
C TRP B 287 -36.97 7.47 3.32
N TRP B 288 -36.97 6.16 3.07
CA TRP B 288 -38.17 5.38 3.40
C TRP B 288 -38.54 5.54 4.87
N PHE B 289 -37.54 5.62 5.74
CA PHE B 289 -37.80 5.69 7.18
C PHE B 289 -38.26 7.09 7.58
N PHE B 290 -37.56 8.13 7.10
CA PHE B 290 -37.93 9.49 7.49
C PHE B 290 -39.19 9.96 6.79
N ASP B 291 -39.45 9.53 5.54
CA ASP B 291 -40.72 9.85 4.93
C ASP B 291 -41.89 9.29 5.75
N ALA B 292 -41.67 8.16 6.45
CA ALA B 292 -42.72 7.58 7.29
C ALA B 292 -43.02 8.44 8.50
N ILE B 293 -41.99 8.86 9.23
CA ILE B 293 -42.24 9.55 10.50
C ILE B 293 -42.37 11.07 10.35
N ILE B 294 -42.01 11.63 9.20
CA ILE B 294 -42.18 13.06 8.94
C ILE B 294 -43.42 13.30 8.08
N ARG B 295 -43.57 12.53 7.02
CA ARG B 295 -44.65 12.71 6.05
C ARG B 295 -45.77 11.68 6.22
N GLY B 296 -45.60 10.72 7.13
CA GLY B 296 -46.59 9.68 7.36
C GLY B 296 -46.70 8.66 6.24
N GLU B 297 -45.76 8.64 5.31
CA GLU B 297 -45.84 7.81 4.12
C GLU B 297 -45.30 6.40 4.41
N ILE B 298 -46.16 5.39 4.26
CA ILE B 298 -45.76 4.00 4.44
C ILE B 298 -46.33 3.17 3.31
N THR B 299 -45.84 1.95 3.22
CA THR B 299 -46.32 0.95 2.28
C THR B 299 -47.14 -0.07 3.05
N ARG B 300 -48.45 -0.11 2.78
CA ARG B 300 -49.33 -1.16 3.30
C ARG B 300 -49.68 -2.14 2.20
N GLY B 301 -50.34 -1.67 1.14
CA GLY B 301 -50.60 -2.46 -0.03
C GLY B 301 -49.52 -2.19 -1.05
N ASN B 302 -48.82 -3.25 -1.44
CA ASN B 302 -47.80 -3.17 -2.48
C ASN B 302 -48.24 -2.28 -3.64
N LYS B 304 -48.86 2.37 -1.22
CA LYS B 304 -48.35 3.67 -0.79
C LYS B 304 -49.44 4.59 -0.22
N ILE B 305 -49.50 4.69 1.11
CA ILE B 305 -50.55 5.42 1.82
C ILE B 305 -49.92 6.43 2.78
N VAL B 306 -50.76 7.31 3.32
CA VAL B 306 -50.36 8.23 4.39
C VAL B 306 -51.10 7.83 5.67
N ARG B 307 -50.37 7.66 6.76
CA ARG B 307 -50.96 7.41 8.07
C ARG B 307 -50.94 8.72 8.85
N ASP B 308 -52.13 9.19 9.21
CA ASP B 308 -52.18 10.49 9.87
C ASP B 308 -51.65 10.42 11.29
N ASP B 309 -51.57 9.23 11.85
CA ASP B 309 -50.97 9.07 13.16
C ASP B 309 -49.45 9.02 13.11
N LEU B 310 -48.85 8.95 11.92
CA LEU B 310 -47.40 8.99 11.79
C LEU B 310 -46.88 10.34 11.32
N LYS B 311 -47.67 11.06 10.53
CA LYS B 311 -47.25 12.33 9.96
C LYS B 311 -46.85 13.35 11.04
N GLY B 312 -45.74 14.05 10.80
CA GLY B 312 -45.33 15.18 11.61
C GLY B 312 -44.77 14.85 12.97
N ARG B 313 -44.36 13.61 13.21
CA ARG B 313 -43.87 13.20 14.53
C ARG B 313 -42.34 13.34 14.63
N LEU B 314 -41.81 14.53 14.33
CA LEU B 314 -40.36 14.74 14.45
C LEU B 314 -40.04 16.22 14.48
N ASP B 315 -39.24 16.64 15.46
CA ASP B 315 -38.80 18.02 15.58
C ASP B 315 -37.36 18.25 15.11
N TRP B 316 -36.50 17.23 15.15
CA TRP B 316 -35.09 17.40 14.80
C TRP B 316 -34.51 16.04 14.45
N ILE B 317 -33.36 16.05 13.76
CA ILE B 317 -32.74 14.82 13.27
C ILE B 317 -31.33 14.73 13.85
N GLY B 318 -31.03 13.59 14.47
CA GLY B 318 -29.70 13.29 14.95
C GLY B 318 -28.94 12.44 13.95
N VAL B 319 -27.83 12.98 13.44
CA VAL B 319 -27.01 12.33 12.43
C VAL B 319 -25.85 11.59 13.12
N ASN B 320 -25.79 10.27 12.94
CA ASN B 320 -24.66 9.46 13.38
C ASN B 320 -23.91 9.06 12.12
N TYR B 321 -22.67 9.53 11.98
CA TYR B 321 -21.90 9.33 10.76
C TYR B 321 -20.49 8.87 11.09
N TYR B 322 -20.02 7.82 10.40
CA TYR B 322 -18.65 7.33 10.56
C TYR B 322 -17.88 7.21 9.26
N THR B 323 -18.52 6.78 8.15
CA THR B 323 -17.80 6.59 6.89
C THR B 323 -18.82 6.50 5.75
N ARG B 324 -18.34 6.29 4.53
CA ARG B 324 -19.19 6.22 3.35
C ARG B 324 -19.58 4.77 3.03
N THR B 325 -20.39 4.61 1.98
CA THR B 325 -20.67 3.33 1.34
C THR B 325 -20.62 3.56 -0.16
N VAL B 326 -19.79 2.81 -0.87
CA VAL B 326 -19.64 2.95 -2.31
C VAL B 326 -20.56 1.93 -2.99
N VAL B 327 -21.35 2.39 -3.96
CA VAL B 327 -22.36 1.56 -4.60
C VAL B 327 -22.21 1.64 -6.12
N LYS B 328 -22.67 0.59 -6.79
CA LYS B 328 -22.70 0.59 -8.25
C LYS B 328 -24.03 0.03 -8.72
N ARG B 329 -24.48 0.50 -9.87
CA ARG B 329 -25.73 0.01 -10.44
C ARG B 329 -25.53 -1.40 -10.96
N THR B 330 -26.54 -2.23 -10.79
CA THR B 330 -26.59 -3.55 -11.40
C THR B 330 -27.86 -3.67 -12.23
N GLU B 331 -27.91 -4.72 -13.07
CA GLU B 331 -29.13 -4.97 -13.84
C GLU B 331 -30.34 -4.94 -12.93
N LYS B 332 -30.26 -5.64 -11.80
CA LYS B 332 -31.38 -5.78 -10.86
C LYS B 332 -31.58 -4.58 -9.95
N GLY B 333 -30.62 -3.66 -9.83
CA GLY B 333 -30.71 -2.59 -8.85
C GLY B 333 -29.36 -1.97 -8.52
N TYR B 334 -28.85 -2.23 -7.31
CA TYR B 334 -27.53 -1.75 -6.92
C TYR B 334 -26.93 -2.69 -5.88
N VAL B 335 -25.59 -2.63 -5.77
CA VAL B 335 -24.88 -3.32 -4.70
C VAL B 335 -23.83 -2.39 -4.08
N SER B 336 -23.52 -2.64 -2.82
CA SER B 336 -22.39 -1.97 -2.18
CA SER B 336 -22.39 -2.00 -2.15
C SER B 336 -21.12 -2.79 -2.37
N LEU B 337 -19.99 -2.09 -2.37
CA LEU B 337 -18.69 -2.68 -2.68
CA LEU B 337 -18.69 -2.70 -2.68
C LEU B 337 -17.84 -2.85 -1.43
N GLY B 338 -17.25 -4.02 -1.26
CA GLY B 338 -16.22 -4.19 -0.26
C GLY B 338 -14.96 -3.44 -0.66
N GLY B 339 -14.11 -3.20 0.34
CA GLY B 339 -12.89 -2.44 0.15
C GLY B 339 -13.05 -0.94 0.22
N TYR B 340 -14.26 -0.47 0.50
CA TYR B 340 -14.54 0.93 0.76
C TYR B 340 -15.41 0.99 1.99
N GLY B 341 -15.47 2.18 2.60
CA GLY B 341 -16.48 2.47 3.60
C GLY B 341 -16.32 1.63 4.85
N HIS B 342 -17.40 1.00 5.30
CA HIS B 342 -17.25 0.16 6.49
CA HIS B 342 -17.42 0.12 6.46
C HIS B 342 -16.83 -1.26 6.17
N GLY B 343 -16.52 -1.57 4.91
CA GLY B 343 -16.10 -2.91 4.55
C GLY B 343 -14.64 -3.08 4.13
N CYS B 344 -13.71 -2.47 4.86
CA CYS B 344 -12.29 -2.54 4.54
C CYS B 344 -11.56 -3.42 5.54
N GLU B 345 -10.29 -3.69 5.23
CA GLU B 345 -9.45 -4.35 6.19
C GLU B 345 -9.14 -3.41 7.34
N ARG B 346 -8.92 -3.98 8.52
CA ARG B 346 -8.53 -3.18 9.68
C ARG B 346 -7.10 -2.65 9.53
N ASN B 347 -6.87 -1.42 9.97
CA ASN B 347 -5.52 -0.84 10.00
C ASN B 347 -4.80 -1.07 8.69
N SER B 348 -5.44 -0.58 7.64
CA SER B 348 -4.95 -0.75 6.28
C SER B 348 -5.29 0.48 5.45
N VAL B 349 -5.43 0.29 4.14
CA VAL B 349 -5.93 1.30 3.22
C VAL B 349 -7.07 0.69 2.43
N SER B 350 -8.01 1.55 2.07
CA SER B 350 -9.10 1.18 1.20
C SER B 350 -8.63 1.07 -0.25
N LEU B 351 -9.53 0.56 -1.10
CA LEU B 351 -9.25 0.53 -2.53
C LEU B 351 -9.06 1.91 -3.13
N ALA B 352 -9.46 2.97 -2.42
CA ALA B 352 -9.22 4.34 -2.84
C ALA B 352 -7.92 4.90 -2.28
N GLY B 353 -7.14 4.13 -1.53
CA GLY B 353 -5.94 4.66 -0.93
C GLY B 353 -6.14 5.46 0.34
N LEU B 354 -7.33 5.38 0.96
CA LEU B 354 -7.60 6.13 2.19
C LEU B 354 -7.40 5.23 3.41
N PRO B 355 -6.88 5.78 4.51
CA PRO B 355 -6.55 4.94 5.67
C PRO B 355 -7.82 4.43 6.35
N THR B 356 -7.71 3.23 6.92
CA THR B 356 -8.83 2.63 7.63
C THR B 356 -8.52 2.50 9.11
N SER B 357 -9.59 2.46 9.91
CA SER B 357 -9.48 2.47 11.36
C SER B 357 -9.20 1.08 11.93
N ASP B 358 -9.12 1.01 13.26
CA ASP B 358 -8.98 -0.28 13.95
C ASP B 358 -10.18 -1.20 13.66
N PHE B 359 -11.31 -0.64 13.22
CA PHE B 359 -12.54 -1.36 12.86
C PHE B 359 -12.65 -1.65 11.36
N GLY B 360 -11.70 -1.21 10.56
CA GLY B 360 -11.81 -1.36 9.12
C GLY B 360 -12.71 -0.34 8.43
N TRP B 361 -12.86 0.85 9.00
CA TRP B 361 -13.74 1.87 8.43
C TRP B 361 -12.87 2.95 7.79
N GLU B 362 -13.24 3.34 6.57
CA GLU B 362 -12.48 4.26 5.73
C GLU B 362 -12.64 5.72 6.16
N PHE B 363 -11.53 6.46 6.10
CA PHE B 363 -11.51 7.89 6.39
C PHE B 363 -12.21 8.65 5.26
N PHE B 364 -13.37 9.26 5.53
CA PHE B 364 -14.14 9.93 4.48
C PHE B 364 -15.00 11.06 5.06
N PRO B 365 -14.36 12.12 5.54
CA PRO B 365 -15.11 13.22 6.15
C PRO B 365 -16.08 13.93 5.20
N GLU B 366 -15.83 13.97 3.89
CA GLU B 366 -16.76 14.69 3.02
C GLU B 366 -18.17 14.10 3.08
N GLY B 367 -18.30 12.82 3.47
CA GLY B 367 -19.63 12.22 3.54
C GLY B 367 -20.54 12.87 4.56
N LEU B 368 -19.95 13.50 5.60
CA LEU B 368 -20.78 14.15 6.62
C LEU B 368 -21.45 15.39 6.05
N TYR B 369 -20.73 16.15 5.22
CA TYR B 369 -21.34 17.27 4.52
C TYR B 369 -22.49 16.79 3.63
N ASP B 370 -22.25 15.70 2.89
CA ASP B 370 -23.29 15.09 2.06
C ASP B 370 -24.55 14.79 2.87
N VAL B 371 -24.41 14.05 3.97
CA VAL B 371 -25.57 13.61 4.74
C VAL B 371 -26.31 14.80 5.32
N LEU B 372 -25.58 15.77 5.91
CA LEU B 372 -26.24 16.92 6.54
C LEU B 372 -27.02 17.74 5.53
N THR B 373 -26.43 18.00 4.36
CA THR B 373 -27.10 18.85 3.37
C THR B 373 -28.25 18.12 2.68
N LYS B 374 -28.12 16.80 2.47
CA LYS B 374 -29.22 16.03 1.91
C LYS B 374 -30.44 16.07 2.82
N TYR B 375 -30.24 15.85 4.13
CA TYR B 375 -31.35 15.92 5.07
C TYR B 375 -31.98 17.32 5.06
N TRP B 376 -31.13 18.34 5.10
CA TRP B 376 -31.65 19.71 5.17
C TRP B 376 -32.47 20.03 3.93
N ASN B 377 -31.97 19.68 2.74
CA ASN B 377 -32.68 20.03 1.53
CA ASN B 377 -32.66 20.00 1.49
C ASN B 377 -33.99 19.27 1.40
N ARG B 378 -34.10 18.07 1.98
CA ARG B 378 -35.35 17.33 1.83
C ARG B 378 -36.40 17.76 2.85
N TYR B 379 -36.02 17.98 4.11
CA TYR B 379 -36.98 18.14 5.19
C TYR B 379 -36.92 19.48 5.91
N HIS B 380 -35.80 20.19 5.82
CA HIS B 380 -35.57 21.46 6.52
C HIS B 380 -35.90 21.37 8.00
N LEU B 381 -35.52 20.25 8.62
CA LEU B 381 -35.51 20.12 10.07
C LEU B 381 -34.09 20.31 10.59
N TYR B 382 -33.93 21.01 11.71
CA TYR B 382 -32.61 21.20 12.26
C TYR B 382 -32.04 19.89 12.79
N MET B 383 -30.69 19.85 12.85
CA MET B 383 -29.96 18.63 13.15
C MET B 383 -28.92 18.88 14.25
N TYR B 384 -28.54 17.78 14.90
CA TYR B 384 -27.30 17.65 15.63
C TYR B 384 -26.49 16.52 14.99
N VAL B 385 -25.16 16.64 14.99
CA VAL B 385 -24.32 15.48 14.71
C VAL B 385 -24.20 14.73 16.04
N THR B 386 -25.02 13.66 16.20
CA THR B 386 -25.09 13.00 17.48
C THR B 386 -24.04 11.90 17.66
N GLU B 387 -23.38 11.44 16.59
CA GLU B 387 -22.21 10.59 16.75
C GLU B 387 -21.27 10.81 15.58
N ASN B 388 -19.99 10.77 15.92
CA ASN B 388 -18.91 10.81 14.95
C ASN B 388 -17.64 10.45 15.71
N GLY B 389 -16.90 9.46 15.22
CA GLY B 389 -15.68 9.06 15.90
C GLY B 389 -14.98 7.94 15.15
N ILE B 390 -13.93 7.41 15.77
CA ILE B 390 -13.07 6.43 15.12
C ILE B 390 -12.51 5.48 16.17
N ALA B 391 -12.45 4.19 15.82
CA ALA B 391 -11.78 3.18 16.62
C ALA B 391 -10.27 3.32 16.41
N ASP B 392 -9.55 3.74 17.44
CA ASP B 392 -8.15 4.17 17.32
C ASP B 392 -7.51 4.24 18.70
N ASP B 393 -7.07 3.10 19.24
CA ASP B 393 -6.49 3.09 20.58
C ASP B 393 -5.21 3.89 20.62
N ALA B 394 -4.42 3.81 19.55
CA ALA B 394 -3.12 4.48 19.49
C ALA B 394 -3.23 6.01 19.35
N ASP B 395 -4.36 6.52 18.83
CA ASP B 395 -4.63 7.95 18.58
C ASP B 395 -3.91 8.48 17.36
N TYR B 396 -3.54 7.59 16.43
CA TYR B 396 -2.77 8.06 15.27
C TYR B 396 -3.62 8.90 14.34
N GLN B 397 -4.86 8.45 14.09
CA GLN B 397 -5.73 9.08 13.09
C GLN B 397 -6.72 10.06 13.69
N ARG B 398 -7.08 9.87 14.95
CA ARG B 398 -8.21 10.62 15.51
C ARG B 398 -7.99 12.14 15.47
N PRO B 399 -6.79 12.69 15.66
CA PRO B 399 -6.67 14.17 15.54
C PRO B 399 -7.16 14.68 14.18
N TYR B 400 -6.76 13.99 13.11
CA TYR B 400 -7.22 14.33 11.76
C TYR B 400 -8.71 14.06 11.60
N TYR B 401 -9.15 12.90 12.08
CA TYR B 401 -10.56 12.54 11.96
C TYR B 401 -11.42 13.60 12.63
N LEU B 402 -11.06 13.98 13.85
CA LEU B 402 -11.82 14.98 14.58
C LEU B 402 -11.89 16.31 13.83
N VAL B 403 -10.75 16.88 13.49
CA VAL B 403 -10.75 18.22 12.89
C VAL B 403 -11.42 18.21 11.53
N SER B 404 -11.14 17.19 10.71
CA SER B 404 -11.72 17.11 9.37
CA SER B 404 -11.72 17.16 9.37
C SER B 404 -13.25 17.03 9.40
N HIS B 405 -13.81 16.22 10.30
CA HIS B 405 -15.27 16.12 10.32
C HIS B 405 -15.92 17.38 10.90
N VAL B 406 -15.29 18.00 11.89
CA VAL B 406 -15.81 19.27 12.42
C VAL B 406 -15.82 20.32 11.31
N TYR B 407 -14.74 20.36 10.49
CA TYR B 407 -14.72 21.26 9.34
C TYR B 407 -15.89 21.03 8.39
N GLN B 408 -16.25 19.77 8.12
CA GLN B 408 -17.34 19.52 7.21
C GLN B 408 -18.68 19.97 7.80
N VAL B 409 -18.81 19.94 9.12
CA VAL B 409 -20.00 20.51 9.75
C VAL B 409 -20.03 22.03 9.52
N HIS B 410 -18.89 22.68 9.72
CA HIS B 410 -18.79 24.11 9.40
C HIS B 410 -19.21 24.38 7.95
N ARG B 411 -18.75 23.55 7.02
CA ARG B 411 -19.15 23.70 5.61
C ARG B 411 -20.65 23.59 5.43
N ALA B 412 -21.27 22.59 6.08
CA ALA B 412 -22.71 22.41 5.95
C ALA B 412 -23.46 23.64 6.44
N ILE B 413 -23.06 24.18 7.59
CA ILE B 413 -23.68 25.38 8.14
C ILE B 413 -23.54 26.54 7.17
N ASN B 414 -22.37 26.64 6.55
CA ASN B 414 -22.11 27.73 5.61
C ASN B 414 -23.00 27.62 4.38
N SER B 415 -23.40 26.41 4.01
CA SER B 415 -24.30 26.16 2.89
CA SER B 415 -24.28 26.22 2.87
C SER B 415 -25.76 26.41 3.23
N GLY B 416 -26.09 26.64 4.49
CA GLY B 416 -27.46 26.94 4.91
C GLY B 416 -28.10 25.91 5.84
N ALA B 417 -27.46 24.77 6.09
CA ALA B 417 -28.06 23.75 6.96
C ALA B 417 -28.03 24.17 8.42
N ASP B 418 -29.16 23.96 9.11
CA ASP B 418 -29.29 24.35 10.51
C ASP B 418 -28.76 23.18 11.35
N VAL B 419 -27.48 23.22 11.70
CA VAL B 419 -26.84 22.20 12.52
C VAL B 419 -26.41 22.87 13.82
N ARG B 420 -26.81 22.31 14.95
CA ARG B 420 -26.72 23.04 16.20
C ARG B 420 -25.69 22.50 17.17
N GLY B 421 -25.02 21.41 16.83
CA GLY B 421 -24.03 20.89 17.73
C GLY B 421 -23.34 19.69 17.10
N TYR B 422 -22.20 19.34 17.70
CA TYR B 422 -21.38 18.21 17.28
C TYR B 422 -21.02 17.43 18.53
N LEU B 423 -21.45 16.17 18.56
CA LEU B 423 -21.25 15.28 19.71
C LEU B 423 -20.36 14.13 19.23
N HIS B 424 -19.15 14.08 19.77
CA HIS B 424 -18.19 13.05 19.41
C HIS B 424 -18.59 11.73 20.07
N TRP B 425 -18.44 10.63 19.33
CA TRP B 425 -18.50 9.29 19.92
C TRP B 425 -17.06 8.78 20.12
N SER B 426 -16.54 8.72 21.35
CA SER B 426 -17.24 9.09 22.59
C SER B 426 -16.27 9.80 23.53
N LEU B 427 -16.74 10.23 24.70
CA LEU B 427 -15.82 10.83 25.66
C LEU B 427 -14.77 9.82 26.10
N ALA B 428 -15.19 8.60 26.43
CA ALA B 428 -14.27 7.56 26.89
C ALA B 428 -14.56 6.25 26.14
N ASP B 429 -13.54 5.40 26.06
CA ASP B 429 -13.69 4.06 25.53
C ASP B 429 -14.86 3.36 26.23
N ASN B 430 -15.46 2.38 25.56
CA ASN B 430 -16.62 1.71 26.13
C ASN B 430 -16.82 0.34 25.48
N TYR B 431 -17.85 -0.38 25.94
CA TYR B 431 -18.12 -1.74 25.47
C TYR B 431 -18.79 -1.68 24.10
N GLU B 432 -18.08 -2.09 23.06
CA GLU B 432 -18.56 -1.94 21.68
C GLU B 432 -19.29 -3.22 21.23
N TRP B 433 -20.35 -3.51 21.96
CA TRP B 433 -21.32 -4.54 21.57
C TRP B 433 -20.58 -5.86 21.35
N ALA B 434 -20.77 -6.53 20.21
CA ALA B 434 -20.17 -7.83 19.93
C ALA B 434 -18.66 -7.78 19.83
N SER B 435 -18.07 -6.61 19.55
CA SER B 435 -16.61 -6.49 19.53
C SER B 435 -15.99 -6.35 20.91
N GLY B 436 -16.79 -6.17 21.96
CA GLY B 436 -16.25 -6.04 23.29
C GLY B 436 -15.47 -4.75 23.47
N PHE B 437 -14.42 -4.83 24.28
CA PHE B 437 -13.64 -3.65 24.64
C PHE B 437 -12.52 -3.33 23.65
N SER B 438 -12.25 -4.19 22.66
CA SER B 438 -11.05 -3.99 21.82
C SER B 438 -11.13 -2.75 20.92
N MET B 439 -12.33 -2.30 20.55
CA MET B 439 -12.51 -1.13 19.70
C MET B 439 -12.69 0.10 20.56
N ARG B 440 -11.72 1.00 20.50
CA ARG B 440 -11.59 2.10 21.45
C ARG B 440 -11.88 3.41 20.75
N PHE B 441 -13.03 4.01 21.07
CA PHE B 441 -13.52 5.22 20.41
C PHE B 441 -13.33 6.48 21.25
N GLY B 442 -12.72 6.36 22.43
CA GLY B 442 -12.68 7.49 23.35
C GLY B 442 -11.68 8.58 22.96
N LEU B 443 -12.08 9.82 23.23
CA LEU B 443 -11.10 10.89 23.43
C LEU B 443 -10.23 10.57 24.63
N LEU B 444 -10.82 9.91 25.62
CA LEU B 444 -10.16 9.43 26.81
C LEU B 444 -10.01 7.91 26.75
N LYS B 445 -8.78 7.46 27.01
CA LYS B 445 -8.45 6.05 27.09
C LYS B 445 -8.78 5.46 28.46
N VAL B 446 -9.43 4.31 28.48
CA VAL B 446 -9.81 3.66 29.73
C VAL B 446 -8.88 2.50 30.02
N ASP B 447 -8.36 2.45 31.23
CA ASP B 447 -7.73 1.23 31.73
C ASP B 447 -8.81 0.44 32.46
N TYR B 448 -9.28 -0.65 31.85
CA TYR B 448 -10.43 -1.34 32.43
C TYR B 448 -10.11 -2.06 33.73
N ASN B 449 -8.84 -2.26 34.05
CA ASN B 449 -8.49 -2.88 35.33
C ASN B 449 -8.70 -1.92 36.50
N THR B 450 -8.47 -0.63 36.30
CA THR B 450 -8.50 0.38 37.35
C THR B 450 -9.58 1.43 37.16
N LYS B 451 -10.22 1.44 35.99
CA LYS B 451 -11.23 2.42 35.59
C LYS B 451 -10.65 3.83 35.46
N ARG B 452 -9.33 3.93 35.39
CA ARG B 452 -8.68 5.22 35.24
C ARG B 452 -8.79 5.73 33.79
N LEU B 453 -9.00 7.04 33.64
CA LEU B 453 -9.13 7.69 32.35
C LEU B 453 -7.87 8.47 32.04
N TYR B 454 -7.38 8.34 30.81
CA TYR B 454 -6.23 9.09 30.31
C TYR B 454 -6.65 9.94 29.13
N TRP B 455 -6.01 11.11 28.98
CA TRP B 455 -6.26 12.01 27.85
C TRP B 455 -5.38 11.58 26.67
N ARG B 456 -6.00 11.02 25.61
CA ARG B 456 -5.29 10.91 24.34
C ARG B 456 -5.01 12.32 23.79
N PRO B 457 -3.96 12.50 23.01
CA PRO B 457 -3.71 13.86 22.47
C PRO B 457 -4.92 14.46 21.73
N SER B 458 -5.76 13.64 21.08
CA SER B 458 -6.97 14.17 20.46
CA SER B 458 -6.99 14.15 20.47
C SER B 458 -7.88 14.87 21.46
N ALA B 459 -7.86 14.44 22.73
CA ALA B 459 -8.66 15.13 23.74
C ALA B 459 -8.16 16.54 23.96
N LEU B 460 -6.84 16.72 23.89
CA LEU B 460 -6.28 18.06 23.98
C LEU B 460 -6.65 18.89 22.75
N VAL B 461 -6.70 18.27 21.57
CA VAL B 461 -7.15 18.95 20.37
C VAL B 461 -8.61 19.36 20.50
N TYR B 462 -9.46 18.45 21.00
CA TYR B 462 -10.87 18.79 21.14
C TYR B 462 -11.07 19.92 22.14
N ARG B 463 -10.27 19.95 23.22
CA ARG B 463 -10.37 21.07 24.15
C ARG B 463 -10.10 22.40 23.45
N GLU B 464 -9.14 22.42 22.52
CA GLU B 464 -8.87 23.65 21.77
CA GLU B 464 -8.88 23.66 21.79
C GLU B 464 -10.09 24.06 20.95
N ILE B 465 -10.74 23.10 20.29
CA ILE B 465 -11.93 23.40 19.49
C ILE B 465 -13.06 23.89 20.37
N ALA B 466 -13.39 23.13 21.41
CA ALA B 466 -14.59 23.42 22.20
C ALA B 466 -14.43 24.71 22.98
N THR B 467 -13.26 24.94 23.58
CA THR B 467 -13.07 26.15 24.37
C THR B 467 -13.02 27.41 23.51
N ASN B 468 -12.63 27.30 22.25
CA ASN B 468 -12.64 28.45 21.35
C ASN B 468 -13.87 28.53 20.48
N GLY B 469 -14.72 27.52 20.48
CA GLY B 469 -15.83 27.48 19.53
C GLY B 469 -15.40 27.56 18.09
N ALA B 470 -14.26 26.95 17.75
CA ALA B 470 -13.68 27.09 16.44
C ALA B 470 -12.56 26.08 16.24
N ILE B 471 -12.35 25.68 14.99
CA ILE B 471 -11.06 25.15 14.59
C ILE B 471 -10.10 26.34 14.51
N THR B 472 -9.16 26.39 15.43
CA THR B 472 -8.26 27.54 15.49
C THR B 472 -7.16 27.42 14.44
N ASP B 473 -6.51 28.55 14.16
CA ASP B 473 -5.52 28.57 13.09
C ASP B 473 -4.45 27.51 13.31
N GLU B 474 -4.05 27.32 14.56
CA GLU B 474 -2.89 26.49 14.87
C GLU B 474 -3.13 25.00 14.66
N ILE B 475 -4.38 24.55 14.54
CA ILE B 475 -4.65 23.13 14.31
C ILE B 475 -5.32 22.88 12.96
N GLU B 476 -5.36 23.88 12.07
CA GLU B 476 -6.07 23.70 10.79
C GLU B 476 -5.39 22.71 9.87
N HIS B 477 -4.13 22.36 10.12
CA HIS B 477 -3.45 21.40 9.29
C HIS B 477 -4.03 20.00 9.48
N LEU B 478 -4.73 19.80 10.59
CA LEU B 478 -5.38 18.50 10.87
C LEU B 478 -6.63 18.28 10.05
N ASN B 479 -7.07 19.29 9.30
CA ASN B 479 -8.15 19.13 8.32
C ASN B 479 -7.56 18.55 7.04
N SER B 480 -7.20 17.27 7.14
CA SER B 480 -6.48 16.57 6.08
C SER B 480 -6.55 15.08 6.36
N VAL B 481 -6.15 14.29 5.36
CA VAL B 481 -6.11 12.82 5.50
C VAL B 481 -4.87 12.44 6.28
N PRO B 482 -4.99 11.58 7.30
CA PRO B 482 -3.78 11.06 7.98
C PRO B 482 -2.78 10.53 6.96
N PRO B 483 -1.52 10.92 7.06
CA PRO B 483 -0.53 10.41 6.10
C PRO B 483 -0.51 8.89 6.10
N VAL B 484 -0.65 8.31 4.91
CA VAL B 484 -0.79 6.88 4.81
CA VAL B 484 -0.79 6.87 4.78
C VAL B 484 0.56 6.17 4.79
N LYS B 485 1.61 6.80 4.24
CA LYS B 485 2.90 6.10 4.16
C LYS B 485 3.37 5.54 5.50
N PRO B 486 3.28 6.24 6.63
CA PRO B 486 3.80 5.69 7.89
C PRO B 486 2.87 4.68 8.58
N LEU B 487 1.65 4.52 8.09
CA LEU B 487 0.67 3.60 8.68
C LEU B 487 0.73 2.24 8.00
N ARG B 488 0.14 1.25 8.67
CA ARG B 488 0.12 -0.07 8.09
C ARG B 488 -0.71 -0.07 6.82
N HIS B 489 -0.22 -0.74 5.79
CA HIS B 489 -1.07 -0.90 4.63
C HIS B 489 -0.79 -2.23 3.99
#